data_8BBR
#
_entry.id   8BBR
#
_cell.length_a   86.298
_cell.length_b   63.443
_cell.length_c   117.311
_cell.angle_alpha   90.000
_cell.angle_beta   97.250
_cell.angle_gamma   90.000
#
_symmetry.space_group_name_H-M   'C 1 2 1'
#
loop_
_entity.id
_entity.type
_entity.pdbx_description
1 polymer 'Core tyrosinase'
2 non-polymer 'COPPER (II) ION'
3 non-polymer 'SULFATE ION'
4 water water
#
_entity_poly.entity_id   1
_entity_poly.type   'polypeptide(L)'
_entity_poly.pdbx_seq_one_letter_code
;QSAKYHRLNLQNPAAAPFLESYKKAITVMLQLPPSDARNWYRNAFIHTLDCPHGNWWFVVWHRGYTGWFERTVRELSGDP
NFAFPYWDWTALPQVPDSFFNGVLDPNNPAFIASYNEFYSQLSNPMSALWNSFSTAQLQQMRNRGFQSVNDVWQAVRDSP
MFFPRGRARTLTRQNPGFDATTRRAVSIGTIRNALAPTDFITFGSGKTANHSESATQGILESQPHNNVHNNIGGFMQDLL
SPTDPVFFAHHSNIDRLWDVWTRKQQRLGLPTLPTGANLPLWANEPFLFFIGPDGKPVAKNKAGDYATIGDFDYNYEPGS
GEAV
;
_entity_poly.pdbx_strand_id   A,B
#
# COMPACT_ATOMS: atom_id res chain seq x y z
N GLN A 1 -5.69 -30.19 6.16
CA GLN A 1 -4.51 -29.93 5.27
C GLN A 1 -4.15 -31.17 4.42
N SER A 2 -4.79 -32.34 4.63
CA SER A 2 -4.62 -33.51 3.71
CA SER A 2 -4.66 -33.53 3.74
C SER A 2 -5.22 -33.18 2.34
N ALA A 3 -4.48 -33.54 1.29
CA ALA A 3 -4.82 -33.19 -0.11
C ALA A 3 -4.06 -34.08 -1.08
N LYS A 4 -4.61 -34.24 -2.29
CA LYS A 4 -4.00 -35.09 -3.34
C LYS A 4 -2.79 -34.37 -3.93
N TYR A 5 -2.92 -33.07 -4.17
CA TYR A 5 -1.89 -32.27 -4.92
C TYR A 5 -1.09 -31.42 -3.94
N HIS A 6 0.17 -31.15 -4.28
CA HIS A 6 1.14 -30.49 -3.36
C HIS A 6 1.81 -29.32 -4.08
N ARG A 7 1.48 -28.10 -3.64
CA ARG A 7 2.16 -26.87 -4.08
C ARG A 7 3.43 -26.75 -3.27
N LEU A 8 4.57 -26.94 -3.94
CA LEU A 8 5.90 -26.96 -3.30
C LEU A 8 6.57 -25.60 -3.50
N ASN A 9 7.54 -25.28 -2.65
CA ASN A 9 8.48 -24.16 -2.90
C ASN A 9 9.15 -24.41 -4.27
N LEU A 10 9.17 -23.43 -5.17
CA LEU A 10 9.84 -23.58 -6.50
C LEU A 10 11.35 -23.81 -6.31
N GLN A 11 11.93 -23.55 -5.12
CA GLN A 11 13.36 -23.86 -4.80
C GLN A 11 13.53 -25.34 -4.34
N ASN A 12 12.45 -26.05 -4.05
CA ASN A 12 12.50 -27.49 -3.68
C ASN A 12 12.96 -28.32 -4.90
N PRO A 13 14.02 -29.17 -4.78
CA PRO A 13 14.42 -30.04 -5.89
C PRO A 13 13.24 -30.89 -6.42
N ALA A 14 12.32 -31.32 -5.56
CA ALA A 14 11.14 -32.10 -6.01
C ALA A 14 10.16 -31.24 -6.81
N ALA A 15 10.32 -29.92 -6.85
CA ALA A 15 9.47 -29.02 -7.66
C ALA A 15 9.97 -28.94 -9.13
N ALA A 16 11.23 -29.26 -9.36
CA ALA A 16 11.87 -29.10 -10.68
C ALA A 16 11.06 -29.76 -11.80
N PRO A 17 10.56 -31.02 -11.68
CA PRO A 17 9.75 -31.62 -12.74
C PRO A 17 8.47 -30.83 -13.02
N PHE A 18 7.88 -30.22 -12.01
CA PHE A 18 6.66 -29.40 -12.17
C PHE A 18 6.96 -28.14 -12.99
N LEU A 19 8.16 -27.55 -12.85
CA LEU A 19 8.55 -26.38 -13.66
C LEU A 19 8.75 -26.84 -15.11
N GLU A 20 9.27 -28.04 -15.35
CA GLU A 20 9.37 -28.57 -16.73
C GLU A 20 7.98 -28.84 -17.33
N SER A 21 7.01 -29.34 -16.53
CA SER A 21 5.60 -29.60 -16.92
C SER A 21 4.90 -28.27 -17.25
N TYR A 22 5.17 -27.25 -16.46
CA TYR A 22 4.64 -25.89 -16.66
C TYR A 22 5.14 -25.40 -18.03
N LYS A 23 6.44 -25.54 -18.32
CA LYS A 23 6.99 -25.14 -19.64
C LYS A 23 6.29 -25.92 -20.76
N LYS A 24 6.02 -27.22 -20.56
CA LYS A 24 5.33 -28.05 -21.61
C LYS A 24 3.92 -27.47 -21.85
N ALA A 25 3.17 -27.14 -20.80
CA ALA A 25 1.79 -26.61 -20.92
C ALA A 25 1.78 -25.21 -21.57
N ILE A 26 2.69 -24.33 -21.17
CA ILE A 26 2.82 -22.95 -21.73
C ILE A 26 3.02 -23.10 -23.25
N THR A 27 3.94 -23.96 -23.66
CA THR A 27 4.21 -24.19 -25.12
C THR A 27 2.91 -24.62 -25.83
N VAL A 28 2.16 -25.54 -25.22
CA VAL A 28 0.87 -26.05 -25.75
C VAL A 28 -0.11 -24.87 -25.88
N MET A 29 -0.25 -24.09 -24.83
CA MET A 29 -1.25 -23.00 -24.75
C MET A 29 -0.89 -21.85 -25.70
N LEU A 30 0.41 -21.63 -25.97
CA LEU A 30 0.83 -20.66 -27.01
C LEU A 30 0.45 -21.20 -28.41
N GLN A 31 0.35 -22.52 -28.57
CA GLN A 31 0.14 -23.22 -29.88
C GLN A 31 -1.35 -23.51 -30.08
N LEU A 32 -2.18 -23.43 -29.04
CA LEU A 32 -3.65 -23.62 -29.21
C LEU A 32 -4.22 -22.42 -29.96
N PRO A 33 -5.25 -22.64 -30.82
CA PRO A 33 -5.90 -21.55 -31.53
C PRO A 33 -6.58 -20.68 -30.49
N PRO A 34 -6.61 -19.33 -30.66
CA PRO A 34 -7.29 -18.47 -29.70
C PRO A 34 -8.81 -18.65 -29.65
N SER A 35 -9.38 -19.50 -30.50
CA SER A 35 -10.78 -19.98 -30.34
C SER A 35 -10.90 -20.88 -29.10
N ASP A 36 -9.82 -21.53 -28.68
CA ASP A 36 -9.80 -22.39 -27.46
C ASP A 36 -9.61 -21.44 -26.25
N ALA A 37 -10.51 -21.50 -25.26
CA ALA A 37 -10.44 -20.65 -24.05
C ALA A 37 -9.21 -21.00 -23.18
N ARG A 38 -8.44 -22.06 -23.49
CA ARG A 38 -7.19 -22.39 -22.76
C ARG A 38 -5.99 -21.84 -23.52
N ASN A 39 -6.20 -21.15 -24.64
CA ASN A 39 -5.10 -20.39 -25.28
C ASN A 39 -4.47 -19.46 -24.24
N TRP A 40 -3.15 -19.29 -24.27
CA TRP A 40 -2.39 -18.53 -23.24
C TRP A 40 -2.96 -17.11 -23.07
N TYR A 41 -3.26 -16.44 -24.17
CA TYR A 41 -3.76 -15.04 -24.19
C TYR A 41 -5.23 -15.01 -23.78
N ARG A 42 -6.04 -15.96 -24.24
CA ARG A 42 -7.46 -16.13 -23.78
C ARG A 42 -7.48 -16.18 -22.25
N ASN A 43 -6.59 -16.98 -21.67
CA ASN A 43 -6.50 -17.18 -20.21
C ASN A 43 -6.17 -15.84 -19.55
N ALA A 44 -5.11 -15.13 -20.01
CA ALA A 44 -4.74 -13.80 -19.48
C ALA A 44 -5.94 -12.85 -19.48
N PHE A 45 -6.75 -12.83 -20.55
CA PHE A 45 -7.90 -11.92 -20.72
C PHE A 45 -8.98 -12.15 -19.66
N ILE A 46 -9.11 -13.36 -19.11
CA ILE A 46 -10.06 -13.65 -17.97
C ILE A 46 -9.72 -12.65 -16.86
N HIS A 47 -8.42 -12.47 -16.59
CA HIS A 47 -7.90 -11.54 -15.56
C HIS A 47 -8.29 -10.09 -15.92
N THR A 48 -8.00 -9.65 -17.14
CA THR A 48 -8.37 -8.30 -17.63
C THR A 48 -9.89 -8.06 -17.43
N LEU A 49 -10.72 -9.04 -17.74
CA LEU A 49 -12.20 -8.91 -17.72
C LEU A 49 -12.77 -8.92 -16.31
N ASP A 50 -12.17 -9.65 -15.36
CA ASP A 50 -12.93 -10.00 -14.14
C ASP A 50 -12.11 -9.89 -12.85
N CYS A 51 -10.82 -9.60 -12.88
CA CYS A 51 -10.07 -9.70 -11.60
C CYS A 51 -10.48 -8.52 -10.72
N PRO A 52 -10.58 -8.74 -9.39
CA PRO A 52 -10.89 -7.66 -8.48
C PRO A 52 -9.51 -7.16 -8.10
N HIS A 53 -9.34 -5.86 -8.03
CA HIS A 53 -8.17 -5.35 -7.29
C HIS A 53 -8.67 -4.21 -6.37
N GLY A 54 -8.06 -4.16 -5.19
CA GLY A 54 -8.38 -3.21 -4.12
C GLY A 54 -9.71 -3.47 -3.48
N ASN A 55 -10.08 -4.72 -3.23
CA ASN A 55 -11.29 -5.03 -2.41
C ASN A 55 -11.22 -6.44 -1.80
N TRP A 56 -12.21 -6.75 -0.94
CA TRP A 56 -12.24 -8.02 -0.16
C TRP A 56 -12.38 -9.30 -1.03
N TRP A 57 -12.60 -9.16 -2.34
CA TRP A 57 -12.67 -10.31 -3.28
C TRP A 57 -11.28 -10.65 -3.85
N PHE A 58 -10.27 -9.90 -3.48
CA PHE A 58 -8.86 -10.11 -3.90
C PHE A 58 -8.40 -11.57 -3.72
N VAL A 59 -8.27 -12.08 -2.50
CA VAL A 59 -7.69 -13.43 -2.24
C VAL A 59 -8.59 -14.53 -2.87
N VAL A 60 -9.91 -14.42 -2.73
CA VAL A 60 -10.86 -15.49 -3.15
C VAL A 60 -10.93 -15.59 -4.68
N TRP A 61 -10.99 -14.48 -5.42
CA TRP A 61 -11.02 -14.52 -6.89
C TRP A 61 -9.71 -15.17 -7.37
N HIS A 62 -8.60 -14.76 -6.79
CA HIS A 62 -7.27 -15.31 -7.19
C HIS A 62 -7.14 -16.81 -6.85
N ARG A 63 -7.78 -17.27 -5.78
CA ARG A 63 -7.82 -18.71 -5.40
C ARG A 63 -8.55 -19.45 -6.52
N GLY A 64 -9.78 -19.01 -6.90
CA GLY A 64 -10.55 -19.54 -8.05
C GLY A 64 -9.74 -19.60 -9.33
N TYR A 65 -9.20 -18.47 -9.76
CA TYR A 65 -8.49 -18.31 -11.06
C TYR A 65 -7.26 -19.23 -11.08
N THR A 66 -6.42 -19.20 -10.03
CA THR A 66 -5.19 -20.04 -9.94
C THR A 66 -5.57 -21.53 -9.89
N GLY A 67 -6.63 -21.91 -9.17
CA GLY A 67 -6.97 -23.34 -9.06
C GLY A 67 -7.48 -23.88 -10.39
N TRP A 68 -8.25 -23.10 -11.15
CA TRP A 68 -8.76 -23.54 -12.46
C TRP A 68 -7.59 -23.62 -13.44
N PHE A 69 -6.69 -22.63 -13.40
CA PHE A 69 -5.55 -22.62 -14.36
C PHE A 69 -4.59 -23.76 -14.02
N GLU A 70 -4.45 -24.12 -12.74
CA GLU A 70 -3.65 -25.28 -12.28
C GLU A 70 -4.16 -26.55 -12.95
N ARG A 71 -5.48 -26.77 -12.97
CA ARG A 71 -6.08 -27.92 -13.63
C ARG A 71 -5.77 -27.93 -15.11
N THR A 72 -5.76 -26.76 -15.76
CA THR A 72 -5.55 -26.62 -17.20
C THR A 72 -4.09 -26.98 -17.50
N VAL A 73 -3.18 -26.53 -16.65
CA VAL A 73 -1.72 -26.84 -16.82
C VAL A 73 -1.52 -28.34 -16.62
N ARG A 74 -2.13 -28.91 -15.56
CA ARG A 74 -2.11 -30.35 -15.27
C ARG A 74 -2.52 -31.09 -16.55
N GLU A 75 -3.68 -30.71 -17.12
CA GLU A 75 -4.28 -31.36 -18.31
C GLU A 75 -3.31 -31.22 -19.52
N LEU A 76 -2.85 -30.01 -19.87
CA LEU A 76 -2.11 -29.75 -21.13
C LEU A 76 -0.61 -30.11 -21.03
N SER A 77 -0.09 -30.32 -19.84
CA SER A 77 1.30 -30.84 -19.62
C SER A 77 1.34 -32.38 -19.72
N GLY A 78 0.18 -33.04 -19.64
CA GLY A 78 0.06 -34.49 -19.42
C GLY A 78 0.73 -34.94 -18.11
N ASP A 79 0.87 -34.06 -17.11
CA ASP A 79 1.48 -34.39 -15.79
C ASP A 79 0.35 -34.44 -14.77
N PRO A 80 -0.19 -35.63 -14.44
CA PRO A 80 -1.41 -35.72 -13.63
C PRO A 80 -1.21 -35.30 -12.15
N ASN A 81 0.03 -35.22 -11.69
CA ASN A 81 0.42 -34.74 -10.33
C ASN A 81 0.70 -33.24 -10.29
N PHE A 82 0.67 -32.55 -11.44
CA PHE A 82 1.08 -31.11 -11.48
C PHE A 82 0.31 -30.29 -10.43
N ALA A 83 1.05 -29.48 -9.69
CA ALA A 83 0.52 -28.36 -8.87
C ALA A 83 1.48 -27.18 -9.00
N PHE A 84 0.98 -25.94 -8.98
CA PHE A 84 1.83 -24.72 -9.13
C PHE A 84 2.83 -24.61 -7.98
N PRO A 85 4.16 -24.69 -8.22
CA PRO A 85 5.12 -24.30 -7.20
C PRO A 85 4.94 -22.81 -6.84
N TYR A 86 5.24 -22.46 -5.60
CA TYR A 86 5.14 -21.05 -5.12
C TYR A 86 6.52 -20.39 -5.04
N TRP A 87 6.48 -19.10 -5.35
CA TRP A 87 7.62 -18.18 -5.21
C TRP A 87 7.58 -17.49 -3.84
N ASP A 88 8.39 -18.00 -2.93
CA ASP A 88 8.54 -17.44 -1.57
C ASP A 88 9.49 -16.25 -1.67
N TRP A 89 8.98 -15.09 -2.09
CA TRP A 89 9.82 -13.87 -2.28
C TRP A 89 10.40 -13.38 -0.93
N THR A 90 9.81 -13.72 0.21
CA THR A 90 10.40 -13.45 1.54
C THR A 90 11.76 -14.14 1.64
N ALA A 91 11.86 -15.39 1.17
CA ALA A 91 13.12 -16.15 1.16
C ALA A 91 13.95 -15.77 -0.06
N LEU A 92 13.35 -15.34 -1.18
CA LEU A 92 14.05 -15.15 -2.47
C LEU A 92 13.56 -13.84 -3.09
N PRO A 93 14.05 -12.67 -2.61
CA PRO A 93 13.52 -11.35 -3.00
C PRO A 93 14.07 -10.89 -4.36
N GLN A 94 13.86 -11.73 -5.38
CA GLN A 94 14.32 -11.57 -6.77
C GLN A 94 13.43 -12.45 -7.65
N VAL A 95 13.26 -12.07 -8.90
CA VAL A 95 12.70 -13.03 -9.90
C VAL A 95 13.57 -14.28 -9.85
N PRO A 96 12.97 -15.48 -9.69
CA PRO A 96 13.74 -16.71 -9.62
C PRO A 96 14.56 -16.90 -10.90
N ASP A 97 15.81 -17.34 -10.76
CA ASP A 97 16.67 -17.60 -11.93
C ASP A 97 15.98 -18.61 -12.88
N SER A 98 15.22 -19.56 -12.33
CA SER A 98 14.53 -20.62 -13.10
C SER A 98 13.50 -19.99 -14.06
N PHE A 99 12.91 -18.84 -13.73
CA PHE A 99 11.90 -18.14 -14.56
C PHE A 99 12.52 -17.32 -15.70
N PHE A 100 13.84 -17.39 -15.89
CA PHE A 100 14.52 -16.85 -17.10
C PHE A 100 14.84 -17.98 -18.10
N ASN A 101 14.45 -19.23 -17.82
CA ASN A 101 14.72 -20.39 -18.70
C ASN A 101 13.50 -20.68 -19.59
N GLY A 102 13.74 -20.81 -20.89
CA GLY A 102 12.77 -21.16 -21.93
C GLY A 102 11.51 -20.30 -21.86
N VAL A 103 10.33 -20.93 -21.94
CA VAL A 103 9.03 -20.22 -22.04
C VAL A 103 8.55 -19.76 -20.65
N LEU A 104 9.30 -19.98 -19.58
CA LEU A 104 8.99 -19.32 -18.28
C LEU A 104 9.28 -17.81 -18.41
N ASP A 105 10.11 -17.42 -19.39
CA ASP A 105 10.46 -16.02 -19.68
C ASP A 105 9.55 -15.51 -20.80
N PRO A 106 8.66 -14.52 -20.52
CA PRO A 106 7.73 -13.99 -21.53
C PRO A 106 8.40 -13.17 -22.64
N ASN A 107 9.73 -12.97 -22.58
CA ASN A 107 10.52 -12.42 -23.72
C ASN A 107 10.83 -13.53 -24.72
N ASN A 108 10.53 -14.80 -24.40
CA ASN A 108 10.89 -15.95 -25.28
C ASN A 108 10.15 -15.77 -26.61
N PRO A 109 10.82 -15.96 -27.78
CA PRO A 109 10.17 -15.76 -29.08
C PRO A 109 8.94 -16.64 -29.38
N ALA A 110 8.64 -17.66 -28.56
CA ALA A 110 7.35 -18.41 -28.63
C ALA A 110 6.17 -17.50 -28.28
N PHE A 111 6.40 -16.44 -27.51
CA PHE A 111 5.33 -15.48 -27.12
C PHE A 111 5.07 -14.51 -28.28
N ILE A 112 3.86 -13.99 -28.36
CA ILE A 112 3.53 -12.91 -29.34
C ILE A 112 4.42 -11.69 -29.06
N ALA A 113 5.11 -11.20 -30.11
CA ALA A 113 6.18 -10.19 -30.02
C ALA A 113 5.63 -8.76 -29.95
N SER A 114 4.43 -8.48 -30.48
CA SER A 114 3.97 -7.11 -30.76
C SER A 114 2.50 -6.97 -30.44
N TYR A 115 2.07 -5.77 -30.06
CA TYR A 115 0.63 -5.40 -29.95
C TYR A 115 -0.07 -5.72 -31.28
N ASN A 116 0.53 -5.35 -32.42
CA ASN A 116 -0.09 -5.55 -33.75
C ASN A 116 -0.45 -7.03 -33.95
N GLU A 117 0.45 -7.96 -33.61
CA GLU A 117 0.20 -9.41 -33.81
C GLU A 117 -0.84 -9.84 -32.77
N PHE A 118 -0.72 -9.32 -31.54
CA PHE A 118 -1.64 -9.66 -30.43
C PHE A 118 -3.05 -9.34 -30.89
N TYR A 119 -3.29 -8.12 -31.39
CA TYR A 119 -4.64 -7.67 -31.84
C TYR A 119 -5.08 -8.55 -33.01
N SER A 120 -4.20 -8.74 -33.99
CA SER A 120 -4.47 -9.58 -35.18
C SER A 120 -5.03 -10.96 -34.77
N GLN A 121 -4.40 -11.59 -33.78
CA GLN A 121 -4.70 -12.99 -33.36
C GLN A 121 -5.89 -13.02 -32.39
N LEU A 122 -6.07 -12.01 -31.52
CA LEU A 122 -7.10 -12.13 -30.44
C LEU A 122 -8.40 -11.37 -30.76
N SER A 123 -8.42 -10.46 -31.75
CA SER A 123 -9.58 -9.58 -32.00
C SER A 123 -10.82 -10.41 -32.33
N ASN A 124 -10.78 -11.34 -33.31
CA ASN A 124 -12.01 -12.06 -33.72
C ASN A 124 -12.50 -12.94 -32.56
N PRO A 125 -11.63 -13.75 -31.90
CA PRO A 125 -12.04 -14.54 -30.74
C PRO A 125 -12.66 -13.73 -29.59
N MET A 126 -12.05 -12.58 -29.22
CA MET A 126 -12.58 -11.77 -28.11
C MET A 126 -13.94 -11.15 -28.52
N SER A 127 -14.16 -10.82 -29.79
CA SER A 127 -15.49 -10.36 -30.29
CA SER A 127 -15.49 -10.36 -30.28
C SER A 127 -16.52 -11.49 -30.18
N ALA A 128 -16.15 -12.68 -30.63
CA ALA A 128 -16.99 -13.89 -30.54
C ALA A 128 -17.35 -14.11 -29.07
N LEU A 129 -16.36 -14.00 -28.19
CA LEU A 129 -16.60 -14.23 -26.73
C LEU A 129 -17.62 -13.18 -26.27
N TRP A 130 -17.39 -11.92 -26.59
CA TRP A 130 -18.30 -10.80 -26.19
C TRP A 130 -19.73 -11.14 -26.63
N ASN A 131 -19.89 -11.57 -27.88
CA ASN A 131 -21.21 -11.75 -28.51
C ASN A 131 -21.92 -12.93 -27.82
N SER A 132 -21.18 -13.83 -27.17
CA SER A 132 -21.72 -15.00 -26.43
C SER A 132 -22.20 -14.62 -25.01
N PHE A 133 -21.83 -13.46 -24.48
CA PHE A 133 -22.05 -13.15 -23.04
C PHE A 133 -23.54 -13.16 -22.71
N SER A 134 -23.87 -13.70 -21.54
CA SER A 134 -25.23 -13.68 -20.94
C SER A 134 -25.56 -12.25 -20.45
N THR A 135 -26.82 -12.00 -20.16
CA THR A 135 -27.32 -10.77 -19.47
C THR A 135 -26.42 -10.50 -18.25
N ALA A 136 -26.25 -11.53 -17.40
CA ALA A 136 -25.47 -11.46 -16.15
C ALA A 136 -24.03 -11.05 -16.47
N GLN A 137 -23.42 -11.64 -17.48
CA GLN A 137 -22.01 -11.33 -17.85
C GLN A 137 -21.90 -9.90 -18.41
N LEU A 138 -22.89 -9.43 -19.17
CA LEU A 138 -22.87 -8.06 -19.74
C LEU A 138 -23.05 -7.06 -18.60
N GLN A 139 -23.82 -7.41 -17.56
CA GLN A 139 -23.92 -6.56 -16.34
C GLN A 139 -22.54 -6.45 -15.67
N GLN A 140 -21.77 -7.54 -15.61
CA GLN A 140 -20.41 -7.53 -14.99
C GLN A 140 -19.54 -6.58 -15.85
N MET A 141 -19.65 -6.67 -17.17
CA MET A 141 -18.85 -5.81 -18.09
C MET A 141 -19.25 -4.33 -17.88
N ARG A 142 -20.54 -4.05 -17.78
CA ARG A 142 -21.04 -2.68 -17.48
C ARG A 142 -20.46 -2.20 -16.14
N ASN A 143 -20.52 -3.01 -15.08
CA ASN A 143 -19.95 -2.64 -13.75
C ASN A 143 -18.47 -2.25 -13.90
N ARG A 144 -17.79 -2.80 -14.90
CA ARG A 144 -16.34 -2.57 -15.13
C ARG A 144 -16.11 -1.42 -16.10
N GLY A 145 -17.18 -0.83 -16.65
CA GLY A 145 -17.08 0.29 -17.61
C GLY A 145 -16.85 -0.17 -19.05
N PHE A 146 -17.05 -1.45 -19.37
CA PHE A 146 -16.90 -2.00 -20.74
C PHE A 146 -18.29 -2.12 -21.37
N GLN A 147 -18.57 -1.27 -22.35
CA GLN A 147 -19.82 -1.28 -23.17
C GLN A 147 -19.64 -2.19 -24.39
N SER A 148 -18.41 -2.44 -24.79
CA SER A 148 -18.07 -3.35 -25.91
C SER A 148 -16.64 -3.84 -25.76
N VAL A 149 -16.29 -4.86 -26.53
CA VAL A 149 -14.93 -5.45 -26.52
C VAL A 149 -13.92 -4.34 -26.84
N ASN A 150 -14.27 -3.33 -27.63
CA ASN A 150 -13.28 -2.29 -28.03
C ASN A 150 -12.95 -1.36 -26.86
N ASP A 151 -13.80 -1.25 -25.86
CA ASP A 151 -13.43 -0.55 -24.59
C ASP A 151 -12.31 -1.35 -23.87
N VAL A 152 -12.33 -2.68 -23.96
CA VAL A 152 -11.26 -3.53 -23.35
C VAL A 152 -9.95 -3.23 -24.12
N TRP A 153 -10.04 -3.22 -25.44
CA TRP A 153 -8.86 -2.97 -26.31
C TRP A 153 -8.32 -1.55 -26.07
N GLN A 154 -9.19 -0.58 -25.84
CA GLN A 154 -8.75 0.82 -25.56
C GLN A 154 -7.90 0.81 -24.29
N ALA A 155 -8.38 0.16 -23.24
CA ALA A 155 -7.64 -0.06 -21.96
C ALA A 155 -6.33 -0.79 -22.24
N VAL A 156 -6.35 -1.85 -23.06
CA VAL A 156 -5.10 -2.61 -23.36
C VAL A 156 -4.10 -1.67 -24.03
N ARG A 157 -4.54 -0.89 -25.02
CA ARG A 157 -3.64 -0.03 -25.82
C ARG A 157 -3.12 1.14 -24.98
N ASP A 158 -3.99 1.76 -24.19
CA ASP A 158 -3.73 3.11 -23.62
C ASP A 158 -2.97 2.96 -22.28
N SER A 159 -3.04 1.82 -21.59
CA SER A 159 -2.45 1.67 -20.22
C SER A 159 -0.92 1.85 -20.24
N PRO A 160 -0.09 1.14 -21.05
CA PRO A 160 -0.52 -0.01 -21.86
C PRO A 160 -0.41 -1.32 -21.06
N MET A 161 -1.08 -2.37 -21.53
CA MET A 161 -1.06 -3.71 -20.86
C MET A 161 -0.18 -4.70 -21.62
N PHE A 162 0.04 -4.48 -22.91
CA PHE A 162 0.84 -5.42 -23.74
C PHE A 162 2.24 -4.83 -23.89
N PHE A 163 3.27 -5.66 -23.78
CA PHE A 163 4.68 -5.22 -23.86
C PHE A 163 5.35 -6.03 -24.95
N PRO A 164 6.15 -5.39 -25.82
CA PRO A 164 6.80 -6.09 -26.90
C PRO A 164 7.98 -6.90 -26.38
N ARG A 165 8.42 -7.89 -27.17
CA ARG A 165 9.62 -8.71 -26.89
C ARG A 165 10.78 -7.78 -26.49
N GLY A 166 11.47 -8.15 -25.42
CA GLY A 166 12.59 -7.39 -24.82
C GLY A 166 12.12 -6.49 -23.69
N ARG A 167 10.81 -6.32 -23.52
CA ARG A 167 10.22 -5.41 -22.50
C ARG A 167 9.15 -6.15 -21.69
N ALA A 168 9.03 -7.48 -21.83
CA ALA A 168 7.95 -8.29 -21.18
C ALA A 168 8.10 -8.26 -19.65
N ARG A 169 9.31 -8.01 -19.16
CA ARG A 169 9.65 -7.68 -17.76
C ARG A 169 10.68 -6.55 -17.77
N THR A 170 10.78 -5.81 -16.66
CA THR A 170 11.85 -4.82 -16.43
C THR A 170 13.04 -5.54 -15.79
N LEU A 171 12.80 -6.36 -14.78
CA LEU A 171 13.88 -7.10 -14.10
C LEU A 171 14.46 -8.12 -15.07
N THR A 172 15.76 -8.41 -14.94
CA THR A 172 16.48 -9.30 -15.87
C THR A 172 17.20 -10.42 -15.12
N ARG A 173 17.69 -11.39 -15.87
CA ARG A 173 18.42 -12.54 -15.29
CA ARG A 173 18.42 -12.54 -15.29
C ARG A 173 19.63 -11.99 -14.54
N GLN A 174 20.31 -11.03 -15.16
CA GLN A 174 21.57 -10.40 -14.66
C GLN A 174 21.25 -9.53 -13.45
N ASN A 175 20.06 -8.92 -13.42
CA ASN A 175 19.66 -7.97 -12.34
C ASN A 175 18.21 -8.27 -11.95
N PRO A 176 17.98 -9.39 -11.22
CA PRO A 176 16.63 -9.85 -10.91
C PRO A 176 16.07 -9.38 -9.57
N GLY A 177 16.92 -8.69 -8.79
CA GLY A 177 16.61 -8.25 -7.42
C GLY A 177 15.58 -7.13 -7.35
N PHE A 178 14.75 -7.17 -6.32
CA PHE A 178 13.78 -6.12 -5.98
C PHE A 178 14.51 -4.86 -5.45
N ASP A 179 13.85 -3.71 -5.58
CA ASP A 179 14.30 -2.41 -5.05
C ASP A 179 14.06 -2.41 -3.51
N ALA A 180 14.50 -1.37 -2.81
CA ALA A 180 14.53 -1.34 -1.33
C ALA A 180 13.09 -1.43 -0.81
N THR A 181 12.18 -0.69 -1.44
CA THR A 181 10.77 -0.66 -0.96
C THR A 181 10.14 -2.06 -1.06
N THR A 182 10.31 -2.71 -2.19
CA THR A 182 9.70 -4.05 -2.49
C THR A 182 10.39 -5.09 -1.59
N ARG A 183 11.71 -4.97 -1.35
CA ARG A 183 12.43 -5.82 -0.37
C ARG A 183 11.76 -5.69 1.00
N ARG A 184 11.42 -4.47 1.43
CA ARG A 184 10.66 -4.27 2.69
C ARG A 184 9.26 -4.89 2.58
N ALA A 185 8.62 -4.76 1.41
CA ALA A 185 7.22 -5.26 1.21
C ALA A 185 7.19 -6.78 1.40
N VAL A 186 8.26 -7.48 1.05
CA VAL A 186 8.30 -8.98 1.10
C VAL A 186 9.07 -9.46 2.33
N SER A 187 9.54 -8.53 3.18
CA SER A 187 10.31 -8.88 4.39
C SER A 187 9.44 -9.72 5.35
N ILE A 188 10.09 -10.52 6.17
CA ILE A 188 9.38 -11.36 7.18
C ILE A 188 8.57 -10.45 8.10
N GLY A 189 9.08 -9.28 8.47
CA GLY A 189 8.38 -8.31 9.31
C GLY A 189 7.06 -7.87 8.69
N THR A 190 7.09 -7.50 7.41
CA THR A 190 5.86 -7.11 6.68
C THR A 190 4.91 -8.31 6.55
N ILE A 191 5.42 -9.50 6.23
CA ILE A 191 4.54 -10.70 6.12
C ILE A 191 3.85 -10.92 7.46
N ARG A 192 4.58 -10.76 8.57
CA ARG A 192 3.98 -10.97 9.92
C ARG A 192 2.91 -9.89 10.14
N ASN A 193 3.18 -8.65 9.72
CA ASN A 193 2.18 -7.55 9.77
C ASN A 193 0.95 -7.93 8.94
N ALA A 194 1.16 -8.49 7.75
CA ALA A 194 0.08 -8.93 6.82
C ALA A 194 -0.79 -10.01 7.46
N LEU A 195 -0.22 -10.91 8.29
CA LEU A 195 -0.94 -12.05 8.92
C LEU A 195 -1.59 -11.64 10.26
N ALA A 196 -1.16 -10.53 10.87
CA ALA A 196 -1.59 -10.10 12.23
C ALA A 196 -3.09 -9.85 12.33
N PRO A 197 -3.81 -9.28 11.34
CA PRO A 197 -5.22 -8.99 11.53
C PRO A 197 -6.02 -10.22 11.94
N THR A 198 -7.10 -9.99 12.71
CA THR A 198 -7.96 -11.06 13.28
C THR A 198 -9.37 -10.98 12.67
N ASP A 199 -9.56 -10.22 11.59
CA ASP A 199 -10.82 -10.25 10.80
C ASP A 199 -10.47 -10.30 9.30
N PHE A 200 -11.34 -10.91 8.52
CA PHE A 200 -11.11 -11.14 7.08
C PHE A 200 -10.91 -9.81 6.33
N ILE A 201 -11.76 -8.79 6.55
CA ILE A 201 -11.70 -7.51 5.78
C ILE A 201 -10.33 -6.87 5.99
N THR A 202 -9.84 -6.79 7.24
CA THR A 202 -8.57 -6.08 7.52
C THR A 202 -7.47 -6.87 6.82
N PHE A 203 -7.53 -8.20 6.87
CA PHE A 203 -6.57 -9.10 6.20
C PHE A 203 -6.59 -8.90 4.67
N GLY A 204 -7.80 -8.97 4.08
CA GLY A 204 -8.01 -9.24 2.65
C GLY A 204 -8.44 -8.02 1.83
N SER A 205 -8.55 -6.82 2.41
CA SER A 205 -8.87 -5.53 1.74
C SER A 205 -10.36 -5.23 1.90
N GLY A 206 -10.77 -3.99 1.60
CA GLY A 206 -12.02 -3.39 2.10
C GLY A 206 -13.25 -3.86 1.36
N LYS A 207 -14.40 -3.84 2.02
CA LYS A 207 -15.71 -4.15 1.41
C LYS A 207 -16.05 -3.13 0.30
N THR A 208 -16.56 -3.60 -0.83
CA THR A 208 -17.24 -2.82 -1.89
C THR A 208 -18.53 -3.53 -2.31
N ALA A 209 -19.38 -2.83 -3.07
CA ALA A 209 -20.66 -3.32 -3.61
C ALA A 209 -20.40 -4.36 -4.70
N ASN A 210 -19.42 -4.15 -5.58
CA ASN A 210 -19.11 -5.12 -6.67
C ASN A 210 -17.60 -5.19 -6.88
N HIS A 211 -17.13 -6.31 -7.38
CA HIS A 211 -15.67 -6.61 -7.34
C HIS A 211 -14.89 -5.78 -8.36
N SER A 212 -15.53 -5.00 -9.24
CA SER A 212 -14.78 -4.07 -10.14
C SER A 212 -14.55 -2.70 -9.45
N GLU A 213 -15.07 -2.50 -8.24
CA GLU A 213 -14.89 -1.22 -7.48
C GLU A 213 -13.58 -1.25 -6.65
N SER A 214 -12.98 -0.08 -6.39
CA SER A 214 -11.76 0.10 -5.56
C SER A 214 -12.14 0.53 -4.16
N ALA A 215 -11.45 -0.03 -3.17
CA ALA A 215 -11.62 0.31 -1.74
C ALA A 215 -10.26 0.45 -1.08
N THR A 216 -10.27 0.63 0.22
CA THR A 216 -9.02 0.60 1.05
C THR A 216 -8.45 -0.83 0.96
N GLN A 217 -7.13 -0.94 1.07
CA GLN A 217 -6.45 -2.25 0.92
C GLN A 217 -5.79 -2.68 2.22
N GLY A 218 -5.68 -3.99 2.40
CA GLY A 218 -4.92 -4.59 3.49
C GLY A 218 -3.46 -4.59 3.14
N ILE A 219 -2.66 -5.04 4.09
CA ILE A 219 -1.19 -5.12 3.87
C ILE A 219 -0.88 -6.15 2.78
N LEU A 220 -1.46 -7.33 2.84
CA LEU A 220 -1.13 -8.44 1.90
C LEU A 220 -1.27 -7.90 0.46
N GLU A 221 -2.39 -7.26 0.13
CA GLU A 221 -2.60 -6.73 -1.25
C GLU A 221 -1.64 -5.56 -1.55
N SER A 222 -1.60 -4.56 -0.69
CA SER A 222 -1.01 -3.22 -0.97
C SER A 222 0.52 -3.30 -0.98
N GLN A 223 1.13 -4.17 -0.15
CA GLN A 223 2.61 -4.18 0.01
C GLN A 223 3.21 -5.34 -0.83
N PRO A 224 3.34 -6.60 -0.34
CA PRO A 224 4.01 -7.64 -1.11
C PRO A 224 3.34 -7.89 -2.48
N HIS A 225 2.00 -8.03 -2.55
CA HIS A 225 1.33 -8.35 -3.83
C HIS A 225 1.57 -7.25 -4.87
N ASN A 226 1.19 -5.99 -4.57
CA ASN A 226 1.20 -4.91 -5.59
C ASN A 226 2.66 -4.57 -5.90
N ASN A 227 3.51 -4.45 -4.86
CA ASN A 227 4.91 -3.98 -5.08
C ASN A 227 5.67 -5.00 -5.94
N VAL A 228 5.51 -6.29 -5.69
CA VAL A 228 6.15 -7.34 -6.54
C VAL A 228 5.70 -7.21 -8.01
N HIS A 229 4.39 -7.14 -8.28
CA HIS A 229 3.81 -6.90 -9.64
C HIS A 229 4.53 -5.72 -10.33
N ASN A 230 4.65 -4.58 -9.64
CA ASN A 230 5.14 -3.33 -10.28
C ASN A 230 6.67 -3.40 -10.41
N ASN A 231 7.37 -3.98 -9.46
CA ASN A 231 8.86 -4.06 -9.52
C ASN A 231 9.27 -4.99 -10.68
N ILE A 232 8.55 -6.09 -10.94
CA ILE A 232 8.88 -7.02 -12.07
C ILE A 232 8.78 -6.20 -13.36
N GLY A 233 7.74 -5.38 -13.49
CA GLY A 233 7.51 -4.51 -14.66
C GLY A 233 7.00 -5.29 -15.85
N GLY A 234 6.78 -4.61 -16.99
CA GLY A 234 6.21 -5.22 -18.19
C GLY A 234 4.81 -5.77 -17.88
N PHE A 235 4.46 -6.95 -18.39
CA PHE A 235 3.08 -7.50 -18.26
C PHE A 235 2.66 -7.43 -16.79
N MET A 236 3.55 -7.81 -15.87
CA MET A 236 3.22 -7.95 -14.42
C MET A 236 2.78 -6.61 -13.82
N GLN A 237 3.05 -5.45 -14.43
CA GLN A 237 2.63 -4.13 -13.88
C GLN A 237 1.19 -3.80 -14.26
N ASP A 238 0.50 -4.59 -15.08
CA ASP A 238 -0.90 -4.22 -15.46
C ASP A 238 -1.77 -5.45 -15.68
N LEU A 239 -2.96 -5.29 -16.29
CA LEU A 239 -4.06 -6.28 -16.14
C LEU A 239 -3.91 -7.44 -17.14
N LEU A 240 -2.85 -7.46 -17.99
CA LEU A 240 -2.50 -8.71 -18.74
C LEU A 240 -1.32 -9.40 -18.03
N SER A 241 -1.16 -9.18 -16.73
CA SER A 241 -0.11 -9.81 -15.87
C SER A 241 -0.01 -11.33 -16.06
N PRO A 242 -1.09 -12.15 -16.19
CA PRO A 242 -0.95 -13.60 -16.36
C PRO A 242 -0.30 -14.06 -17.66
N THR A 243 -0.03 -13.13 -18.56
CA THR A 243 0.85 -13.37 -19.76
C THR A 243 2.22 -13.84 -19.27
N ASP A 244 2.69 -13.31 -18.13
CA ASP A 244 3.99 -13.70 -17.54
C ASP A 244 3.77 -14.98 -16.74
N PRO A 245 4.36 -16.14 -17.12
CA PRO A 245 4.22 -17.38 -16.35
C PRO A 245 4.49 -17.25 -14.83
N VAL A 246 5.35 -16.32 -14.41
CA VAL A 246 5.67 -16.10 -12.98
C VAL A 246 4.43 -15.65 -12.20
N PHE A 247 3.42 -15.10 -12.87
CA PHE A 247 2.13 -14.68 -12.25
C PHE A 247 1.61 -15.81 -11.36
N PHE A 248 1.65 -17.05 -11.84
CA PHE A 248 1.00 -18.19 -11.12
C PHE A 248 1.88 -18.62 -9.95
N ALA A 249 3.19 -18.51 -10.04
CA ALA A 249 4.12 -18.71 -8.90
C ALA A 249 3.92 -17.62 -7.82
N HIS A 250 3.71 -16.37 -8.22
CA HIS A 250 3.43 -15.21 -7.34
C HIS A 250 2.12 -15.54 -6.60
N HIS A 251 1.10 -15.96 -7.34
CA HIS A 251 -0.27 -16.18 -6.77
C HIS A 251 -0.35 -17.49 -5.96
N SER A 252 0.45 -18.49 -6.26
CA SER A 252 0.62 -19.68 -5.42
C SER A 252 1.08 -19.22 -4.04
N ASN A 253 2.07 -18.32 -4.00
CA ASN A 253 2.59 -17.78 -2.71
C ASN A 253 1.51 -16.95 -1.97
N ILE A 254 0.77 -16.08 -2.67
CA ILE A 254 -0.29 -15.25 -2.04
C ILE A 254 -1.29 -16.22 -1.43
N ASP A 255 -1.67 -17.25 -2.18
CA ASP A 255 -2.70 -18.22 -1.74
C ASP A 255 -2.20 -19.02 -0.51
N ARG A 256 -0.93 -19.39 -0.48
CA ARG A 256 -0.25 -20.02 0.68
C ARG A 256 -0.38 -19.11 1.90
N LEU A 257 -0.19 -17.79 1.74
CA LEU A 257 -0.22 -16.84 2.86
C LEU A 257 -1.65 -16.74 3.38
N TRP A 258 -2.65 -16.85 2.49
CA TRP A 258 -4.07 -16.94 2.89
C TRP A 258 -4.29 -18.21 3.73
N ASP A 259 -3.80 -19.36 3.26
CA ASP A 259 -3.91 -20.66 3.99
C ASP A 259 -3.29 -20.50 5.37
N VAL A 260 -2.12 -19.86 5.48
CA VAL A 260 -1.43 -19.61 6.78
C VAL A 260 -2.36 -18.81 7.70
N TRP A 261 -2.94 -17.73 7.16
CA TRP A 261 -3.84 -16.81 7.89
C TRP A 261 -5.06 -17.59 8.40
N THR A 262 -5.72 -18.35 7.51
CA THR A 262 -6.94 -19.13 7.84
C THR A 262 -6.61 -20.08 9.01
N ARG A 263 -5.50 -20.79 8.92
CA ARG A 263 -5.12 -21.80 9.97
C ARG A 263 -4.81 -21.07 11.29
N LYS A 264 -4.20 -19.89 11.24
CA LYS A 264 -3.90 -19.05 12.43
C LYS A 264 -5.24 -18.68 13.10
N GLN A 265 -6.19 -18.20 12.31
CA GLN A 265 -7.55 -17.80 12.78
C GLN A 265 -8.25 -19.01 13.42
N GLN A 266 -8.21 -20.16 12.77
CA GLN A 266 -8.88 -21.40 13.26
C GLN A 266 -8.26 -21.75 14.63
N ARG A 267 -6.94 -21.69 14.76
CA ARG A 267 -6.19 -22.03 16.01
C ARG A 267 -6.70 -21.15 17.16
N LEU A 268 -6.99 -19.88 16.88
CA LEU A 268 -7.41 -18.87 17.89
C LEU A 268 -8.93 -18.87 18.04
N GLY A 269 -9.64 -19.72 17.30
CA GLY A 269 -11.11 -19.82 17.34
C GLY A 269 -11.79 -18.56 16.81
N LEU A 270 -11.13 -17.85 15.87
CA LEU A 270 -11.66 -16.59 15.27
C LEU A 270 -12.18 -16.84 13.86
N PRO A 271 -13.11 -16.01 13.34
CA PRO A 271 -13.72 -16.23 12.02
C PRO A 271 -12.68 -16.20 10.90
N THR A 272 -12.89 -17.02 9.87
CA THR A 272 -11.97 -17.16 8.71
C THR A 272 -12.51 -16.37 7.49
N LEU A 273 -13.74 -15.89 7.56
CA LEU A 273 -14.43 -15.17 6.47
C LEU A 273 -15.19 -13.96 7.02
N PRO A 274 -15.76 -13.08 6.16
CA PRO A 274 -16.66 -12.04 6.64
C PRO A 274 -17.82 -12.67 7.43
N THR A 275 -18.35 -11.92 8.41
CA THR A 275 -19.42 -12.42 9.32
C THR A 275 -20.73 -11.64 9.16
N GLY A 276 -21.79 -12.17 9.77
CA GLY A 276 -23.12 -11.54 9.79
C GLY A 276 -23.59 -11.23 8.39
N ALA A 277 -24.15 -10.05 8.19
CA ALA A 277 -24.77 -9.62 6.91
C ALA A 277 -23.69 -9.54 5.82
N ASN A 278 -22.43 -9.40 6.21
CA ASN A 278 -21.30 -9.32 5.25
C ASN A 278 -21.11 -10.68 4.56
N LEU A 279 -21.44 -11.80 5.20
CA LEU A 279 -21.06 -13.14 4.65
C LEU A 279 -21.79 -13.36 3.33
N PRO A 280 -23.13 -13.25 3.22
CA PRO A 280 -23.79 -13.44 1.91
C PRO A 280 -23.45 -12.37 0.85
N LEU A 281 -23.24 -11.11 1.24
CA LEU A 281 -22.76 -10.05 0.32
C LEU A 281 -21.46 -10.53 -0.34
N TRP A 282 -20.56 -11.10 0.46
CA TRP A 282 -19.23 -11.54 -0.02
C TRP A 282 -19.41 -12.82 -0.84
N ALA A 283 -20.13 -13.79 -0.32
CA ALA A 283 -20.17 -15.17 -0.89
C ALA A 283 -20.96 -15.16 -2.20
N ASN A 284 -21.95 -14.27 -2.34
CA ASN A 284 -22.88 -14.32 -3.49
C ASN A 284 -22.39 -13.48 -4.68
N GLU A 285 -21.18 -12.91 -4.63
CA GLU A 285 -20.64 -12.08 -5.72
C GLU A 285 -20.41 -12.97 -6.94
N PRO A 286 -20.90 -12.60 -8.14
CA PRO A 286 -20.79 -13.46 -9.32
C PRO A 286 -19.36 -13.44 -9.88
N PHE A 287 -18.79 -14.65 -10.07
CA PHE A 287 -17.52 -14.89 -10.79
C PHE A 287 -17.87 -15.69 -12.06
N LEU A 288 -18.07 -15.02 -13.21
CA LEU A 288 -18.82 -15.58 -14.35
C LEU A 288 -17.91 -16.00 -15.53
N PHE A 289 -16.58 -15.96 -15.39
CA PHE A 289 -15.65 -16.03 -16.53
C PHE A 289 -14.60 -17.14 -16.42
N PHE A 290 -14.61 -17.97 -15.37
CA PHE A 290 -13.59 -19.03 -15.23
C PHE A 290 -13.79 -20.15 -16.28
N ILE A 291 -12.68 -20.73 -16.70
CA ILE A 291 -12.58 -21.80 -17.74
C ILE A 291 -11.93 -23.04 -17.12
N GLY A 292 -12.62 -24.19 -17.26
CA GLY A 292 -12.12 -25.50 -16.80
C GLY A 292 -11.06 -26.10 -17.73
N PRO A 293 -10.45 -27.23 -17.34
CA PRO A 293 -9.36 -27.83 -18.09
C PRO A 293 -9.80 -28.44 -19.43
N ASP A 294 -11.10 -28.51 -19.65
CA ASP A 294 -11.73 -28.96 -20.94
C ASP A 294 -12.07 -27.76 -21.84
N GLY A 295 -11.89 -26.52 -21.35
CA GLY A 295 -12.06 -25.27 -22.11
C GLY A 295 -13.48 -24.76 -22.06
N LYS A 296 -14.30 -25.33 -21.21
CA LYS A 296 -15.73 -24.95 -21.05
C LYS A 296 -15.90 -24.05 -19.83
N PRO A 297 -16.91 -23.16 -19.83
CA PRO A 297 -17.24 -22.34 -18.66
C PRO A 297 -17.54 -23.22 -17.44
N VAL A 298 -17.13 -22.81 -16.25
CA VAL A 298 -17.24 -23.66 -15.03
C VAL A 298 -18.62 -23.41 -14.40
N ALA A 299 -19.13 -24.36 -13.66
CA ALA A 299 -20.44 -24.22 -12.99
C ALA A 299 -20.33 -23.34 -11.75
N LYS A 300 -19.20 -23.41 -11.03
CA LYS A 300 -19.00 -22.72 -9.73
C LYS A 300 -18.79 -21.23 -10.01
N ASN A 301 -19.84 -20.41 -9.96
CA ASN A 301 -19.82 -19.02 -10.51
C ASN A 301 -20.15 -18.00 -9.41
N LYS A 302 -19.88 -18.30 -8.15
CA LYS A 302 -19.92 -17.30 -7.04
C LYS A 302 -18.68 -17.38 -6.14
N ALA A 303 -18.33 -16.25 -5.54
CA ALA A 303 -17.13 -16.07 -4.70
C ALA A 303 -17.11 -17.12 -3.60
N GLY A 304 -18.26 -17.41 -2.95
CA GLY A 304 -18.35 -18.37 -1.84
C GLY A 304 -17.90 -19.77 -2.21
N ASP A 305 -17.98 -20.13 -3.50
CA ASP A 305 -17.55 -21.46 -3.99
C ASP A 305 -16.05 -21.61 -3.78
N TYR A 306 -15.31 -20.50 -3.69
CA TYR A 306 -13.83 -20.51 -3.64
C TYR A 306 -13.31 -20.07 -2.27
N ALA A 307 -14.17 -20.06 -1.24
CA ALA A 307 -13.78 -19.59 0.13
C ALA A 307 -12.69 -20.50 0.70
N THR A 308 -12.75 -21.81 0.42
CA THR A 308 -11.79 -22.83 0.90
C THR A 308 -11.10 -23.48 -0.30
N ILE A 309 -9.95 -24.12 -0.06
CA ILE A 309 -9.22 -24.87 -1.11
C ILE A 309 -10.19 -25.91 -1.68
N GLY A 310 -10.93 -26.62 -0.82
CA GLY A 310 -12.07 -27.45 -1.23
C GLY A 310 -11.69 -28.45 -2.32
N ASP A 311 -12.50 -28.49 -3.37
CA ASP A 311 -12.42 -29.41 -4.54
C ASP A 311 -11.06 -29.33 -5.23
N PHE A 312 -10.34 -28.21 -5.14
CA PHE A 312 -9.02 -28.08 -5.83
C PHE A 312 -8.01 -29.05 -5.21
N ASP A 313 -8.22 -29.43 -3.93
CA ASP A 313 -7.57 -30.62 -3.30
C ASP A 313 -6.03 -30.46 -3.30
N TYR A 314 -5.52 -29.28 -2.92
CA TYR A 314 -4.07 -29.05 -2.77
C TYR A 314 -3.73 -28.63 -1.33
N ASN A 315 -2.47 -28.88 -0.93
CA ASN A 315 -1.88 -28.31 0.28
C ASN A 315 -0.53 -27.73 -0.11
N TYR A 316 0.15 -27.13 0.86
CA TYR A 316 1.42 -26.39 0.72
C TYR A 316 2.51 -27.06 1.54
N GLU A 317 3.70 -27.21 0.93
CA GLU A 317 4.98 -27.22 1.67
C GLU A 317 5.03 -25.90 2.41
N PRO A 318 5.29 -25.92 3.74
CA PRO A 318 5.34 -24.69 4.51
C PRO A 318 6.45 -23.75 4.06
N GLY A 319 6.16 -22.45 4.06
CA GLY A 319 7.15 -21.41 3.77
C GLY A 319 7.07 -20.28 4.79
N SER A 320 7.64 -19.14 4.41
CA SER A 320 7.72 -17.91 5.25
C SER A 320 6.35 -17.58 5.83
N GLY A 321 6.28 -17.26 7.11
CA GLY A 321 4.98 -17.09 7.80
C GLY A 321 5.11 -16.55 9.20
N GLU A 322 4.21 -16.96 10.09
CA GLU A 322 4.17 -16.41 11.47
C GLU A 322 5.38 -16.93 12.27
N ALA A 323 5.86 -16.12 13.23
CA ALA A 323 6.86 -16.46 14.26
C ALA A 323 6.26 -17.49 15.24
N VAL A 324 6.83 -18.71 15.24
CA VAL A 324 6.53 -19.82 16.20
C VAL A 324 7.66 -19.82 17.25
N ALA B 3 -7.69 33.53 3.70
CA ALA B 3 -6.59 33.01 4.56
C ALA B 3 -5.48 34.06 4.64
N LYS B 4 -4.99 34.28 5.86
CA LYS B 4 -3.87 35.19 6.15
C LYS B 4 -2.55 34.56 5.68
N TYR B 5 -2.36 33.25 5.89
CA TYR B 5 -1.02 32.58 5.75
C TYR B 5 -1.01 31.71 4.49
N HIS B 6 0.16 31.55 3.88
CA HIS B 6 0.33 30.92 2.56
C HIS B 6 1.39 29.83 2.62
N ARG B 7 0.96 28.59 2.45
CA ARG B 7 1.86 27.42 2.29
C ARG B 7 2.29 27.38 0.83
N LEU B 8 3.54 27.73 0.56
CA LEU B 8 4.12 27.78 -0.79
C LEU B 8 4.85 26.47 -1.11
N ASN B 9 5.03 26.17 -2.38
CA ASN B 9 5.99 25.16 -2.86
C ASN B 9 7.38 25.52 -2.29
N LEU B 10 8.10 24.58 -1.65
CA LEU B 10 9.46 24.86 -1.11
C LEU B 10 10.43 25.18 -2.27
N GLN B 11 10.06 24.90 -3.53
CA GLN B 11 10.87 25.33 -4.73
C GLN B 11 10.58 26.77 -5.16
N ASN B 12 9.53 27.39 -4.62
CA ASN B 12 9.14 28.80 -4.93
C ASN B 12 10.21 29.73 -4.35
N PRO B 13 10.80 30.66 -5.16
CA PRO B 13 11.76 31.62 -4.64
C PRO B 13 11.21 32.37 -3.42
N ALA B 14 9.91 32.67 -3.39
CA ALA B 14 9.29 33.40 -2.26
C ALA B 14 9.22 32.51 -1.01
N ALA B 15 9.49 31.21 -1.10
CA ALA B 15 9.46 30.30 0.08
C ALA B 15 10.82 30.32 0.79
N ALA B 16 11.88 30.74 0.11
CA ALA B 16 13.25 30.70 0.65
C ALA B 16 13.35 31.36 2.04
N PRO B 17 12.78 32.55 2.31
CA PRO B 17 12.85 33.14 3.64
C PRO B 17 12.14 32.30 4.71
N PHE B 18 11.08 31.59 4.33
CA PHE B 18 10.38 30.69 5.27
C PHE B 18 11.27 29.50 5.66
N LEU B 19 12.09 29.00 4.75
CA LEU B 19 13.05 27.91 5.08
C LEU B 19 14.14 28.49 6.01
N GLU B 20 14.55 29.75 5.84
CA GLU B 20 15.52 30.37 6.79
C GLU B 20 14.88 30.55 8.18
N SER B 21 13.60 30.95 8.24
CA SER B 21 12.81 31.10 9.50
C SER B 21 12.64 29.74 10.19
N TYR B 22 12.41 28.69 9.41
CA TYR B 22 12.27 27.30 9.92
C TYR B 22 13.60 26.91 10.56
N LYS B 23 14.73 27.21 9.92
CA LYS B 23 16.05 26.90 10.50
C LYS B 23 16.22 27.67 11.81
N LYS B 24 15.82 28.94 11.87
CA LYS B 24 15.94 29.74 13.11
C LYS B 24 15.11 29.06 14.22
N ALA B 25 13.89 28.62 13.94
CA ALA B 25 13.01 28.01 14.96
C ALA B 25 13.57 26.65 15.45
N ILE B 26 14.05 25.82 14.53
CA ILE B 26 14.63 24.49 14.83
C ILE B 26 15.82 24.70 15.78
N THR B 27 16.70 25.66 15.49
CA THR B 27 17.85 25.96 16.38
C THR B 27 17.31 26.32 17.79
N VAL B 28 16.27 27.16 17.86
CA VAL B 28 15.63 27.56 19.14
C VAL B 28 15.12 26.32 19.86
N MET B 29 14.37 25.47 19.16
CA MET B 29 13.69 24.30 19.76
C MET B 29 14.71 23.23 20.15
N LEU B 30 15.88 23.14 19.48
CA LEU B 30 16.98 22.25 19.92
C LEU B 30 17.59 22.81 21.23
N GLN B 31 17.51 24.12 21.43
CA GLN B 31 18.17 24.85 22.56
C GLN B 31 17.20 25.01 23.73
N LEU B 32 15.89 24.85 23.53
CA LEU B 32 14.91 24.92 24.65
C LEU B 32 15.12 23.71 25.55
N PRO B 33 14.96 23.86 26.88
CA PRO B 33 15.06 22.74 27.81
C PRO B 33 13.91 21.79 27.49
N PRO B 34 14.12 20.45 27.58
CA PRO B 34 13.05 19.50 27.32
C PRO B 34 11.90 19.53 28.33
N SER B 35 12.00 20.35 29.38
CA SER B 35 10.81 20.73 30.21
C SER B 35 9.79 21.55 29.42
N ASP B 36 10.20 22.26 28.39
CA ASP B 36 9.31 23.05 27.51
C ASP B 36 8.71 22.10 26.45
N ALA B 37 7.38 22.00 26.35
CA ALA B 37 6.70 21.13 25.37
C ALA B 37 6.97 21.57 23.91
N ARG B 38 7.64 22.70 23.66
CA ARG B 38 8.02 23.12 22.29
C ARG B 38 9.47 22.72 22.01
N ASN B 39 10.14 22.07 22.97
CA ASN B 39 11.46 21.45 22.68
C ASN B 39 11.31 20.51 21.47
N TRP B 40 12.32 20.46 20.58
CA TRP B 40 12.21 19.77 19.28
C TRP B 40 11.81 18.29 19.48
N TYR B 41 12.39 17.62 20.49
CA TYR B 41 12.19 16.19 20.79
C TYR B 41 10.83 16.02 21.47
N ARG B 42 10.46 16.91 22.40
CA ARG B 42 9.12 16.90 23.06
C ARG B 42 8.05 16.91 21.96
N ASN B 43 8.24 17.77 20.96
CA ASN B 43 7.28 17.92 19.85
C ASN B 43 7.21 16.59 19.08
N ALA B 44 8.35 16.01 18.70
CA ALA B 44 8.43 14.68 18.02
C ALA B 44 7.62 13.63 18.82
N PHE B 45 7.75 13.60 20.15
CA PHE B 45 7.13 12.58 21.05
C PHE B 45 5.61 12.66 20.99
N ILE B 46 5.03 13.84 20.69
CA ILE B 46 3.55 13.97 20.50
C ILE B 46 3.15 12.94 19.43
N HIS B 47 3.92 12.87 18.34
CA HIS B 47 3.68 11.93 17.21
C HIS B 47 3.79 10.47 17.70
N THR B 48 4.87 10.13 18.41
CA THR B 48 5.08 8.76 18.98
C THR B 48 3.86 8.36 19.83
N LEU B 49 3.34 9.29 20.62
CA LEU B 49 2.28 9.04 21.63
C LEU B 49 0.90 8.98 20.97
N ASP B 50 0.64 9.70 19.89
CA ASP B 50 -0.79 9.92 19.52
C ASP B 50 -1.07 9.83 18.01
N CYS B 51 -0.08 9.66 17.15
CA CYS B 51 -0.39 9.76 15.71
C CYS B 51 -1.18 8.52 15.30
N PRO B 52 -2.17 8.66 14.40
CA PRO B 52 -2.93 7.52 13.95
C PRO B 52 -2.15 7.08 12.72
N HIS B 53 -1.95 5.80 12.55
CA HIS B 53 -1.54 5.34 11.21
C HIS B 53 -2.43 4.14 10.85
N GLY B 54 -2.78 4.06 9.56
CA GLY B 54 -3.66 3.05 8.98
C GLY B 54 -5.09 3.21 9.41
N ASN B 55 -5.63 4.42 9.52
CA ASN B 55 -7.11 4.58 9.72
C ASN B 55 -7.63 5.96 9.29
N TRP B 56 -8.94 6.15 9.35
CA TRP B 56 -9.65 7.35 8.81
C TRP B 56 -9.29 8.66 9.55
N TRP B 57 -8.53 8.60 10.64
CA TRP B 57 -8.07 9.79 11.40
C TRP B 57 -6.70 10.25 10.86
N PHE B 58 -6.12 9.54 9.90
CA PHE B 58 -4.80 9.85 9.26
C PHE B 58 -4.70 11.35 8.87
N VAL B 59 -5.50 11.81 7.90
CA VAL B 59 -5.35 13.19 7.31
C VAL B 59 -5.66 14.25 8.40
N VAL B 60 -6.71 14.04 9.21
CA VAL B 60 -7.25 15.06 10.15
C VAL B 60 -6.30 15.23 11.34
N TRP B 61 -5.75 14.15 11.90
CA TRP B 61 -4.77 14.25 13.00
C TRP B 61 -3.56 15.03 12.49
N HIS B 62 -3.09 14.69 11.30
CA HIS B 62 -1.87 15.34 10.72
C HIS B 62 -2.16 16.83 10.42
N ARG B 63 -3.41 17.19 10.08
CA ARG B 63 -3.81 18.60 9.85
C ARG B 63 -3.66 19.36 11.19
N GLY B 64 -4.25 18.84 12.29
CA GLY B 64 -4.09 19.36 13.66
C GLY B 64 -2.62 19.53 14.07
N TYR B 65 -1.84 18.47 13.99
CA TYR B 65 -0.43 18.42 14.45
C TYR B 65 0.41 19.43 13.65
N THR B 66 0.31 19.43 12.31
CA THR B 66 1.08 20.36 11.43
C THR B 66 0.63 21.81 11.70
N GLY B 67 -0.66 22.07 11.88
CA GLY B 67 -1.15 23.46 12.05
C GLY B 67 -0.70 24.04 13.39
N TRP B 68 -0.69 23.23 14.45
CA TRP B 68 -0.21 23.69 15.77
C TRP B 68 1.29 23.93 15.69
N PHE B 69 2.02 23.02 15.03
CA PHE B 69 3.49 23.13 15.01
C PHE B 69 3.88 24.33 14.14
N GLU B 70 3.10 24.62 13.10
CA GLU B 70 3.28 25.81 12.23
C GLU B 70 3.22 27.08 13.10
N ARG B 71 2.26 27.16 14.02
CA ARG B 71 2.14 28.31 14.94
C ARG B 71 3.37 28.41 15.83
N THR B 72 3.91 27.27 16.26
CA THR B 72 5.06 27.21 17.17
C THR B 72 6.30 27.71 16.41
N VAL B 73 6.47 27.29 15.16
CA VAL B 73 7.63 27.72 14.33
C VAL B 73 7.48 29.23 14.07
N ARG B 74 6.27 29.67 13.73
CA ARG B 74 5.95 31.12 13.55
C ARG B 74 6.44 31.89 14.78
N GLU B 75 6.02 31.44 15.97
CA GLU B 75 6.34 32.09 17.27
C GLU B 75 7.86 32.10 17.48
N LEU B 76 8.55 30.95 17.39
CA LEU B 76 9.96 30.82 17.84
C LEU B 76 10.95 31.29 16.75
N SER B 77 10.52 31.48 15.52
CA SER B 77 11.35 32.09 14.43
C SER B 77 11.30 33.62 14.49
N GLY B 78 10.31 34.16 15.17
CA GLY B 78 9.97 35.59 15.15
C GLY B 78 9.52 36.04 13.77
N ASP B 79 9.05 35.13 12.90
CA ASP B 79 8.56 35.46 11.53
C ASP B 79 7.05 35.35 11.55
N PRO B 80 6.32 36.49 11.67
CA PRO B 80 4.87 36.43 11.90
C PRO B 80 4.06 35.94 10.69
N ASN B 81 4.66 35.93 9.50
CA ASN B 81 4.06 35.44 8.24
C ASN B 81 4.39 33.96 8.00
N PHE B 82 5.20 33.33 8.84
CA PHE B 82 5.67 31.95 8.59
C PHE B 82 4.47 31.03 8.29
N ALA B 83 4.58 30.24 7.23
CA ALA B 83 3.74 29.04 6.99
C ALA B 83 4.64 27.94 6.43
N PHE B 84 4.36 26.67 6.73
CA PHE B 84 5.21 25.53 6.23
C PHE B 84 5.19 25.43 4.70
N PRO B 85 6.32 25.65 3.99
CA PRO B 85 6.38 25.27 2.58
C PRO B 85 6.16 23.74 2.41
N TYR B 86 5.57 23.36 1.29
CA TYR B 86 5.31 21.93 0.97
C TYR B 86 6.33 21.37 -0.02
N TRP B 87 6.60 20.09 0.18
CA TRP B 87 7.43 19.25 -0.70
C TRP B 87 6.55 18.51 -1.69
N ASP B 88 6.50 19.03 -2.92
CA ASP B 88 5.72 18.42 -4.02
C ASP B 88 6.61 17.33 -4.61
N TRP B 89 6.61 16.14 -3.97
CA TRP B 89 7.49 15.02 -4.41
C TRP B 89 7.06 14.52 -5.80
N THR B 90 5.82 14.76 -6.24
CA THR B 90 5.40 14.47 -7.64
C THR B 90 6.31 15.26 -8.60
N ALA B 91 6.56 16.54 -8.30
CA ALA B 91 7.42 17.41 -9.12
C ALA B 91 8.89 17.16 -8.79
N LEU B 92 9.22 16.75 -7.55
CA LEU B 92 10.63 16.64 -7.06
C LEU B 92 10.79 15.33 -6.30
N PRO B 93 10.94 14.18 -7.03
CA PRO B 93 10.95 12.87 -6.39
C PRO B 93 12.32 12.52 -5.79
N GLN B 94 12.78 13.39 -4.88
CA GLN B 94 14.07 13.33 -4.17
C GLN B 94 13.92 14.17 -2.89
N VAL B 95 14.70 13.87 -1.86
CA VAL B 95 14.82 14.84 -0.74
C VAL B 95 15.34 16.13 -1.34
N PRO B 96 14.68 17.28 -1.04
CA PRO B 96 15.09 18.55 -1.63
C PRO B 96 16.54 18.86 -1.23
N ASP B 97 17.32 19.36 -2.17
CA ASP B 97 18.71 19.80 -1.87
C ASP B 97 18.72 20.79 -0.70
N SER B 98 17.71 21.66 -0.58
CA SER B 98 17.63 22.70 0.48
C SER B 98 17.57 22.03 1.87
N PHE B 99 17.06 20.79 1.97
CA PHE B 99 16.92 20.08 3.28
C PHE B 99 18.21 19.36 3.70
N PHE B 100 19.31 19.54 2.96
CA PHE B 100 20.66 19.14 3.41
C PHE B 100 21.46 20.34 3.94
N ASN B 101 20.87 21.54 4.02
CA ASN B 101 21.56 22.77 4.51
C ASN B 101 21.22 23.01 5.99
N GLY B 102 22.25 23.21 6.81
CA GLY B 102 22.15 23.59 8.23
C GLY B 102 21.30 22.61 9.03
N VAL B 103 20.44 23.12 9.90
CA VAL B 103 19.60 22.29 10.82
C VAL B 103 18.37 21.73 10.10
N LEU B 104 18.19 21.95 8.80
CA LEU B 104 17.16 21.20 8.02
C LEU B 104 17.58 19.72 7.91
N ASP B 105 18.89 19.46 8.04
CA ASP B 105 19.52 18.11 8.01
C ASP B 105 19.65 17.60 9.44
N PRO B 106 18.91 16.52 9.80
CA PRO B 106 18.95 16.00 11.18
C PRO B 106 20.29 15.31 11.54
N ASN B 107 21.25 15.24 10.62
CA ASN B 107 22.66 14.83 10.93
C ASN B 107 23.47 16.02 11.46
N ASN B 108 22.91 17.23 11.41
CA ASN B 108 23.61 18.45 11.88
C ASN B 108 24.00 18.28 13.35
N PRO B 109 25.24 18.63 13.77
CA PRO B 109 25.68 18.40 15.15
C PRO B 109 24.88 19.13 16.25
N ALA B 110 23.97 20.04 15.90
CA ALA B 110 23.03 20.68 16.86
C ALA B 110 22.02 19.65 17.36
N PHE B 111 21.81 18.58 16.61
CA PHE B 111 20.86 17.50 17.02
C PHE B 111 21.55 16.58 18.03
N ILE B 112 20.75 15.95 18.89
CA ILE B 112 21.28 14.92 19.83
C ILE B 112 21.90 13.78 19.01
N ALA B 113 23.16 13.43 19.33
CA ALA B 113 24.00 12.50 18.55
C ALA B 113 23.69 11.02 18.81
N SER B 114 23.14 10.61 19.95
CA SER B 114 23.08 9.19 20.35
C SER B 114 21.80 8.90 21.11
N TYR B 115 21.33 7.65 21.08
CA TYR B 115 20.22 7.19 21.96
C TYR B 115 20.57 7.43 23.43
N ASN B 116 21.82 7.14 23.84
CA ASN B 116 22.33 7.36 25.23
C ASN B 116 22.01 8.80 25.68
N GLU B 117 22.37 9.79 24.86
CA GLU B 117 22.21 11.24 25.20
C GLU B 117 20.71 11.57 25.15
N PHE B 118 20.00 11.02 24.17
CA PHE B 118 18.56 11.25 23.96
C PHE B 118 17.83 10.83 25.25
N TYR B 119 18.09 9.62 25.75
CA TYR B 119 17.46 9.09 26.99
C TYR B 119 17.85 10.00 28.15
N SER B 120 19.14 10.31 28.26
CA SER B 120 19.67 11.17 29.36
C SER B 120 18.88 12.48 29.46
N GLN B 121 18.62 13.12 28.32
CA GLN B 121 17.98 14.46 28.23
C GLN B 121 16.46 14.35 28.34
N LEU B 122 15.82 13.31 27.81
CA LEU B 122 14.33 13.28 27.70
C LEU B 122 13.66 12.44 28.80
N SER B 123 14.39 11.58 29.51
CA SER B 123 13.79 10.61 30.47
C SER B 123 13.02 11.35 31.56
N ASN B 124 13.61 12.32 32.28
CA ASN B 124 12.90 12.94 33.44
C ASN B 124 11.68 13.73 32.94
N PRO B 125 11.81 14.59 31.88
CA PRO B 125 10.65 15.28 31.32
C PRO B 125 9.49 14.38 30.85
N MET B 126 9.79 13.27 30.15
CA MET B 126 8.73 12.36 29.68
C MET B 126 8.08 11.65 30.88
N SER B 127 8.82 11.38 31.96
CA SER B 127 8.20 10.80 33.21
C SER B 127 7.26 11.86 33.84
N ALA B 128 7.74 13.09 33.94
CA ALA B 128 6.94 14.23 34.45
C ALA B 128 5.68 14.38 33.60
N LEU B 129 5.81 14.30 32.28
CA LEU B 129 4.64 14.41 31.38
C LEU B 129 3.67 13.27 31.70
N TRP B 130 4.18 12.04 31.80
CA TRP B 130 3.33 10.85 32.09
C TRP B 130 2.52 11.11 33.37
N ASN B 131 3.22 11.57 34.40
CA ASN B 131 2.66 11.70 35.77
C ASN B 131 1.59 12.80 35.75
N SER B 132 1.60 13.69 34.76
CA SER B 132 0.59 14.78 34.58
C SER B 132 -0.67 14.29 33.86
N PHE B 133 -0.66 13.12 33.21
CA PHE B 133 -1.77 12.73 32.29
C PHE B 133 -3.09 12.60 33.06
N SER B 134 -4.17 13.02 32.42
CA SER B 134 -5.58 12.83 32.86
C SER B 134 -6.00 11.36 32.69
N THR B 135 -7.12 10.98 33.28
CA THR B 135 -7.78 9.67 33.08
C THR B 135 -7.91 9.42 31.59
N ALA B 136 -8.45 10.40 30.87
CA ALA B 136 -8.74 10.34 29.42
C ALA B 136 -7.43 10.07 28.66
N GLN B 137 -6.35 10.78 29.02
CA GLN B 137 -5.04 10.62 28.34
C GLN B 137 -4.45 9.24 28.65
N LEU B 138 -4.60 8.73 29.88
CA LEU B 138 -4.06 7.40 30.27
C LEU B 138 -4.85 6.32 29.54
N GLN B 139 -6.15 6.52 29.30
CA GLN B 139 -6.96 5.61 28.46
C GLN B 139 -6.40 5.60 27.04
N GLN B 140 -5.97 6.74 26.50
CA GLN B 140 -5.41 6.78 25.11
C GLN B 140 -4.11 5.97 25.13
N MET B 141 -3.29 6.15 26.18
CA MET B 141 -2.00 5.41 26.31
C MET B 141 -2.27 3.89 26.40
N ARG B 142 -3.25 3.48 27.20
CA ARG B 142 -3.69 2.06 27.29
C ARG B 142 -4.11 1.56 25.90
N ASN B 143 -4.96 2.30 25.17
CA ASN B 143 -5.40 1.92 23.79
C ASN B 143 -4.17 1.66 22.91
N ARG B 144 -3.06 2.32 23.20
CA ARG B 144 -1.82 2.25 22.37
C ARG B 144 -0.88 1.20 22.92
N GLY B 145 -1.22 0.56 24.04
CA GLY B 145 -0.39 -0.50 24.65
C GLY B 145 0.70 0.03 25.58
N PHE B 146 0.62 1.30 25.98
CA PHE B 146 1.59 1.93 26.90
C PHE B 146 0.99 1.96 28.30
N GLN B 147 1.55 1.13 29.19
CA GLN B 147 1.14 1.02 30.63
C GLN B 147 1.97 2.01 31.44
N SER B 148 3.12 2.44 30.93
CA SER B 148 4.02 3.42 31.57
C SER B 148 4.94 4.03 30.51
N VAL B 149 5.61 5.12 30.87
CA VAL B 149 6.58 5.80 29.99
C VAL B 149 7.64 4.81 29.54
N ASN B 150 7.99 3.80 30.34
CA ASN B 150 9.07 2.84 29.97
C ASN B 150 8.66 1.94 28.82
N ASP B 151 7.35 1.72 28.62
CA ASP B 151 6.87 0.99 27.41
C ASP B 151 7.14 1.85 26.17
N VAL B 152 7.05 3.17 26.27
CA VAL B 152 7.33 4.09 25.13
C VAL B 152 8.83 3.95 24.81
N TRP B 153 9.67 3.98 25.84
CA TRP B 153 11.14 3.87 25.68
C TRP B 153 11.51 2.51 25.09
N GLN B 154 10.81 1.45 25.49
CA GLN B 154 11.07 0.09 24.96
C GLN B 154 10.84 0.11 23.44
N ALA B 155 9.72 0.70 22.98
CA ALA B 155 9.37 0.87 21.55
C ALA B 155 10.43 1.75 20.89
N VAL B 156 10.84 2.85 21.52
CA VAL B 156 11.85 3.77 20.91
C VAL B 156 13.14 2.98 20.70
N ARG B 157 13.60 2.28 21.75
CA ARG B 157 14.93 1.61 21.74
C ARG B 157 14.90 0.42 20.80
N ASP B 158 13.83 -0.36 20.80
CA ASP B 158 13.82 -1.71 20.20
C ASP B 158 13.47 -1.65 18.70
N SER B 159 12.80 -0.60 18.22
CA SER B 159 12.27 -0.53 16.83
C SER B 159 13.40 -0.61 15.80
N PRO B 160 14.45 0.23 15.79
CA PRO B 160 14.60 1.41 16.65
C PRO B 160 14.00 2.67 16.02
N MET B 161 13.71 3.70 16.81
CA MET B 161 13.12 4.97 16.34
C MET B 161 14.17 6.10 16.35
N PHE B 162 15.22 5.98 17.15
CA PHE B 162 16.27 7.02 17.24
C PHE B 162 17.47 6.56 16.39
N PHE B 163 18.07 7.49 15.65
CA PHE B 163 19.19 7.21 14.73
C PHE B 163 20.33 8.14 15.06
N PRO B 164 21.57 7.61 15.16
CA PRO B 164 22.69 8.41 15.62
C PRO B 164 23.18 9.33 14.49
N ARG B 165 23.97 10.34 14.84
CA ARG B 165 24.64 11.24 13.86
C ARG B 165 25.29 10.41 12.75
N GLY B 166 25.03 10.80 11.50
CA GLY B 166 25.53 10.11 10.30
C GLY B 166 24.55 9.11 9.74
N ARG B 167 23.46 8.79 10.46
CA ARG B 167 22.45 7.80 10.03
C ARG B 167 21.03 8.37 10.17
N ALA B 168 20.88 9.70 10.33
CA ALA B 168 19.57 10.33 10.65
C ALA B 168 18.61 10.20 9.45
N ARG B 169 19.15 10.01 8.25
CA ARG B 169 18.45 9.62 7.00
C ARG B 169 19.30 8.56 6.28
N THR B 170 18.70 7.81 5.36
CA THR B 170 19.43 6.91 4.43
C THR B 170 19.80 7.72 3.19
N LEU B 171 18.85 8.45 2.64
CA LEU B 171 19.10 9.30 1.44
C LEU B 171 20.07 10.43 1.80
N THR B 172 20.93 10.80 0.86
CA THR B 172 22.01 11.78 1.05
C THR B 172 21.92 12.92 0.02
N ARG B 173 22.68 13.97 0.25
CA ARG B 173 22.70 15.12 -0.69
C ARG B 173 23.18 14.61 -2.05
N GLN B 174 24.16 13.71 -2.03
CA GLN B 174 24.83 13.12 -3.22
C GLN B 174 23.87 12.17 -3.91
N ASN B 175 23.00 11.48 -3.14
CA ASN B 175 22.06 10.46 -3.66
C ASN B 175 20.71 10.66 -2.99
N PRO B 176 19.97 11.74 -3.36
CA PRO B 176 18.73 12.11 -2.68
C PRO B 176 17.46 11.50 -3.30
N GLY B 177 17.62 10.81 -4.44
CA GLY B 177 16.51 10.27 -5.27
C GLY B 177 15.79 9.08 -4.68
N PHE B 178 14.49 8.98 -4.97
CA PHE B 178 13.66 7.85 -4.54
C PHE B 178 13.95 6.62 -5.43
N ASP B 179 13.64 5.43 -4.89
CA ASP B 179 13.71 4.15 -5.64
C ASP B 179 12.51 4.08 -6.61
N ALA B 180 12.45 3.04 -7.44
CA ALA B 180 11.49 2.93 -8.55
C ALA B 180 10.09 2.85 -7.95
N THR B 181 9.93 2.09 -6.89
CA THR B 181 8.58 1.90 -6.28
C THR B 181 8.04 3.25 -5.75
N THR B 182 8.86 3.98 -5.03
CA THR B 182 8.47 5.26 -4.38
C THR B 182 8.27 6.32 -5.50
N ARG B 183 9.08 6.31 -6.56
CA ARG B 183 8.88 7.16 -7.76
C ARG B 183 7.46 6.89 -8.31
N ARG B 184 7.03 5.63 -8.43
CA ARG B 184 5.66 5.27 -8.86
CA ARG B 184 5.65 5.31 -8.88
CA ARG B 184 5.65 5.27 -8.86
C ARG B 184 4.65 5.82 -7.83
N ALA B 185 4.97 5.69 -6.52
CA ALA B 185 4.04 6.09 -5.43
C ALA B 185 3.75 7.59 -5.52
N VAL B 186 4.72 8.40 -5.98
CA VAL B 186 4.57 9.90 -6.02
C VAL B 186 4.26 10.37 -7.44
N SER B 187 4.10 9.45 -8.39
CA SER B 187 3.81 9.80 -9.80
C SER B 187 2.43 10.50 -9.88
N ILE B 188 2.27 11.32 -10.90
CA ILE B 188 0.99 12.04 -11.15
C ILE B 188 -0.13 11.01 -11.29
N GLY B 189 0.12 9.86 -11.93
CA GLY B 189 -0.89 8.80 -12.08
C GLY B 189 -1.40 8.30 -10.75
N THR B 190 -0.50 8.02 -9.83
CA THR B 190 -0.84 7.57 -8.46
C THR B 190 -1.56 8.70 -7.71
N ILE B 191 -1.08 9.94 -7.81
CA ILE B 191 -1.76 11.10 -7.13
C ILE B 191 -3.20 11.18 -7.66
N ARG B 192 -3.40 11.00 -8.96
CA ARG B 192 -4.76 11.09 -9.54
C ARG B 192 -5.60 9.93 -9.01
N ASN B 193 -5.01 8.73 -8.87
CA ASN B 193 -5.70 7.56 -8.29
C ASN B 193 -6.06 7.86 -6.82
N ALA B 194 -5.15 8.47 -6.08
CA ALA B 194 -5.34 8.87 -4.66
C ALA B 194 -6.50 9.86 -4.49
N LEU B 195 -6.73 10.76 -5.47
CA LEU B 195 -7.78 11.82 -5.42
C LEU B 195 -9.12 11.29 -5.97
N ALA B 196 -9.11 10.19 -6.72
CA ALA B 196 -10.30 9.68 -7.46
C ALA B 196 -11.44 9.27 -6.55
N PRO B 197 -11.23 8.68 -5.35
CA PRO B 197 -12.38 8.23 -4.56
C PRO B 197 -13.34 9.38 -4.29
N THR B 198 -14.62 9.04 -4.14
CA THR B 198 -15.74 9.98 -3.94
C THR B 198 -16.35 9.79 -2.55
N ASP B 199 -15.73 8.98 -1.67
CA ASP B 199 -16.10 8.97 -0.23
C ASP B 199 -14.85 9.15 0.65
N PHE B 200 -15.05 9.73 1.82
CA PHE B 200 -13.93 10.08 2.74
C PHE B 200 -13.13 8.82 3.13
N ILE B 201 -13.79 7.71 3.54
CA ILE B 201 -13.10 6.49 4.04
C ILE B 201 -12.16 5.97 2.93
N THR B 202 -12.66 5.85 1.69
CA THR B 202 -11.84 5.27 0.60
C THR B 202 -10.64 6.20 0.38
N PHE B 203 -10.87 7.51 0.43
CA PHE B 203 -9.78 8.52 0.28
C PHE B 203 -8.76 8.40 1.43
N GLY B 204 -9.26 8.39 2.67
CA GLY B 204 -8.49 8.72 3.88
C GLY B 204 -8.12 7.51 4.74
N SER B 205 -8.47 6.26 4.35
CA SER B 205 -8.12 5.00 5.08
C SER B 205 -9.29 4.58 5.99
N GLY B 206 -9.26 3.33 6.47
CA GLY B 206 -10.46 2.59 6.92
C GLY B 206 -10.93 3.03 8.28
N LYS B 207 -12.24 2.90 8.54
CA LYS B 207 -12.85 3.15 9.85
C LYS B 207 -12.30 2.18 10.90
N THR B 208 -11.99 2.68 12.10
CA THR B 208 -11.64 1.88 13.31
C THR B 208 -12.33 2.52 14.51
N ALA B 209 -12.36 1.79 15.63
CA ALA B 209 -12.99 2.20 16.89
C ALA B 209 -12.16 3.32 17.55
N ASN B 210 -10.83 3.24 17.51
CA ASN B 210 -9.97 4.31 18.11
C ASN B 210 -8.73 4.51 17.24
N HIS B 211 -8.13 5.69 17.33
CA HIS B 211 -7.12 6.10 16.32
C HIS B 211 -5.78 5.39 16.54
N SER B 212 -5.58 4.58 17.57
CA SER B 212 -4.34 3.77 17.72
C SER B 212 -4.49 2.41 17.02
N GLU B 213 -5.68 2.08 16.50
CA GLU B 213 -5.94 0.80 15.78
C GLU B 213 -5.54 0.90 14.30
N SER B 214 -5.12 -0.22 13.70
CA SER B 214 -4.80 -0.41 12.27
C SER B 214 -6.04 -0.92 11.51
N ALA B 215 -6.23 -0.39 10.31
CA ALA B 215 -7.26 -0.85 9.36
C ALA B 215 -6.65 -0.90 7.96
N THR B 216 -7.49 -1.14 6.99
CA THR B 216 -7.12 -1.06 5.56
C THR B 216 -6.82 0.40 5.23
N GLN B 217 -5.95 0.64 4.27
CA GLN B 217 -5.50 2.01 3.95
C GLN B 217 -5.89 2.42 2.53
N GLY B 218 -6.12 3.73 2.35
CA GLY B 218 -6.35 4.32 1.04
C GLY B 218 -5.03 4.56 0.34
N ILE B 219 -5.10 4.97 -0.90
CA ILE B 219 -3.86 5.15 -1.73
C ILE B 219 -2.99 6.25 -1.12
N LEU B 220 -3.57 7.40 -0.78
CA LEU B 220 -2.78 8.55 -0.24
C LEU B 220 -1.87 8.08 0.90
N GLU B 221 -2.42 7.37 1.89
CA GLU B 221 -1.59 6.90 3.04
C GLU B 221 -0.59 5.82 2.60
N SER B 222 -1.08 4.78 1.92
CA SER B 222 -0.35 3.50 1.69
C SER B 222 0.77 3.71 0.67
N GLN B 223 0.60 4.57 -0.34
CA GLN B 223 1.61 4.71 -1.44
C GLN B 223 2.50 5.94 -1.20
N PRO B 224 2.15 7.19 -1.63
CA PRO B 224 3.07 8.33 -1.49
C PRO B 224 3.46 8.58 -0.02
N HIS B 225 2.52 8.57 0.94
CA HIS B 225 2.85 8.94 2.32
C HIS B 225 3.84 7.92 2.91
N ASN B 226 3.48 6.63 2.92
CA ASN B 226 4.28 5.58 3.63
C ASN B 226 5.59 5.35 2.87
N ASN B 227 5.54 5.29 1.55
CA ASN B 227 6.73 4.96 0.72
C ASN B 227 7.77 6.08 0.88
N VAL B 228 7.37 7.35 0.87
CA VAL B 228 8.34 8.47 1.06
C VAL B 228 9.00 8.36 2.46
N HIS B 229 8.23 8.16 3.54
CA HIS B 229 8.73 7.91 4.93
C HIS B 229 9.84 6.84 4.91
N ASN B 230 9.57 5.68 4.30
CA ASN B 230 10.49 4.51 4.36
C ASN B 230 11.69 4.73 3.44
N ASN B 231 11.50 5.37 2.29
CA ASN B 231 12.64 5.58 1.34
C ASN B 231 13.63 6.57 1.95
N ILE B 232 13.18 7.60 2.68
CA ILE B 232 14.10 8.59 3.33
C ILE B 232 14.97 7.82 4.31
N GLY B 233 14.36 6.92 5.08
CA GLY B 233 15.04 6.11 6.09
C GLY B 233 15.41 6.93 7.30
N GLY B 234 16.11 6.31 8.28
CA GLY B 234 16.44 6.98 9.55
C GLY B 234 15.17 7.38 10.28
N PHE B 235 15.13 8.56 10.90
CA PHE B 235 13.99 8.97 11.75
C PHE B 235 12.69 8.79 10.97
N MET B 236 12.69 9.19 9.70
CA MET B 236 11.46 9.21 8.86
C MET B 236 10.86 7.81 8.67
N GLN B 237 11.58 6.72 8.95
CA GLN B 237 11.02 5.34 8.77
C GLN B 237 10.22 4.93 10.03
N ASP B 238 10.23 5.70 11.12
CA ASP B 238 9.50 5.21 12.34
C ASP B 238 8.92 6.39 13.12
N LEU B 239 8.36 6.13 14.31
CA LEU B 239 7.40 7.02 14.98
C LEU B 239 8.06 8.24 15.66
N LEU B 240 9.38 8.42 15.58
CA LEU B 240 10.04 9.73 15.91
C LEU B 240 10.36 10.49 14.60
N SER B 241 9.59 10.23 13.53
CA SER B 241 9.78 10.86 12.19
C SER B 241 9.83 12.40 12.27
N PRO B 242 9.06 13.12 13.14
CA PRO B 242 9.12 14.59 13.20
C PRO B 242 10.42 15.18 13.71
N THR B 243 11.34 14.32 14.17
CA THR B 243 12.73 14.72 14.49
C THR B 243 13.37 15.25 13.20
N ASP B 244 13.00 14.70 12.03
CA ASP B 244 13.55 15.16 10.72
C ASP B 244 12.71 16.36 10.29
N PRO B 245 13.28 17.57 10.20
CA PRO B 245 12.54 18.76 9.74
C PRO B 245 11.72 18.57 8.45
N VAL B 246 12.14 17.68 7.55
CA VAL B 246 11.44 17.45 6.26
C VAL B 246 10.06 16.85 6.53
N PHE B 247 9.83 16.27 7.71
CA PHE B 247 8.51 15.71 8.12
C PHE B 247 7.42 16.74 7.83
N PHE B 248 7.64 18.00 8.20
CA PHE B 248 6.59 19.04 8.13
C PHE B 248 6.37 19.49 6.68
N ALA B 249 7.42 19.49 5.85
CA ALA B 249 7.31 19.72 4.39
C ALA B 249 6.52 18.57 3.72
N HIS B 250 6.78 17.32 4.13
CA HIS B 250 6.08 16.11 3.65
C HIS B 250 4.61 16.28 3.99
N HIS B 251 4.31 16.64 5.23
CA HIS B 251 2.90 16.72 5.73
C HIS B 251 2.18 17.97 5.21
N SER B 252 2.87 19.04 4.91
CA SER B 252 2.29 20.23 4.22
C SER B 252 1.75 19.74 2.87
N ASN B 253 2.52 18.91 2.15
CA ASN B 253 2.09 18.35 0.85
C ASN B 253 0.87 17.41 1.01
N ILE B 254 0.90 16.49 1.98
CA ILE B 254 -0.23 15.55 2.24
C ILE B 254 -1.47 16.43 2.48
N ASP B 255 -1.32 17.45 3.32
CA ASP B 255 -2.46 18.33 3.70
C ASP B 255 -2.99 19.10 2.47
N ARG B 256 -2.11 19.57 1.58
CA ARG B 256 -2.46 20.19 0.28
C ARG B 256 -3.32 19.22 -0.54
N LEU B 257 -2.97 17.93 -0.57
CA LEU B 257 -3.67 16.93 -1.39
C LEU B 257 -5.04 16.71 -0.79
N TRP B 258 -5.18 16.77 0.53
CA TRP B 258 -6.50 16.71 1.22
C TRP B 258 -7.36 17.91 0.77
N ASP B 259 -6.79 19.11 0.83
CA ASP B 259 -7.48 20.35 0.39
C ASP B 259 -7.94 20.20 -1.07
N VAL B 260 -7.11 19.64 -1.95
CA VAL B 260 -7.46 19.41 -3.38
C VAL B 260 -8.68 18.49 -3.46
N TRP B 261 -8.65 17.40 -2.69
CA TRP B 261 -9.72 16.37 -2.64
C TRP B 261 -11.02 17.01 -2.15
N THR B 262 -10.99 17.76 -1.06
CA THR B 262 -12.18 18.40 -0.44
C THR B 262 -12.82 19.34 -1.49
N ARG B 263 -12.02 20.13 -2.19
CA ARG B 263 -12.54 21.13 -3.16
C ARG B 263 -13.11 20.40 -4.37
N LYS B 264 -12.51 19.27 -4.77
CA LYS B 264 -13.01 18.39 -5.88
C LYS B 264 -14.40 17.87 -5.50
N GLN B 265 -14.54 17.34 -4.30
CA GLN B 265 -15.81 16.80 -3.75
C GLN B 265 -16.87 17.91 -3.70
N GLN B 266 -16.50 19.10 -3.23
CA GLN B 266 -17.44 20.25 -3.13
C GLN B 266 -17.95 20.59 -4.53
N ARG B 267 -17.07 20.61 -5.53
CA ARG B 267 -17.43 20.95 -6.94
C ARG B 267 -18.48 19.95 -7.46
N LEU B 268 -18.36 18.69 -7.07
CA LEU B 268 -19.26 17.58 -7.49
C LEU B 268 -20.48 17.49 -6.57
N GLY B 269 -20.58 18.34 -5.55
CA GLY B 269 -21.70 18.36 -4.59
C GLY B 269 -21.76 17.08 -3.76
N LEU B 270 -20.60 16.47 -3.50
CA LEU B 270 -20.50 15.20 -2.74
C LEU B 270 -19.96 15.50 -1.34
N PRO B 271 -20.22 14.61 -0.34
CA PRO B 271 -19.74 14.82 1.02
C PRO B 271 -18.20 14.85 1.06
N THR B 272 -17.68 15.64 1.99
CA THR B 272 -16.25 15.91 2.22
C THR B 272 -15.76 15.13 3.44
N LEU B 273 -16.67 14.56 4.23
CA LEU B 273 -16.38 13.87 5.52
C LEU B 273 -17.20 12.60 5.61
N PRO B 274 -16.95 11.73 6.61
CA PRO B 274 -17.80 10.57 6.85
C PRO B 274 -19.23 11.05 7.06
N THR B 275 -20.18 10.21 6.68
CA THR B 275 -21.62 10.57 6.55
C THR B 275 -22.45 9.82 7.59
N GLY B 276 -23.66 10.34 7.80
CA GLY B 276 -24.67 9.70 8.67
C GLY B 276 -24.08 9.43 10.05
N ALA B 277 -24.31 8.22 10.59
CA ALA B 277 -23.92 7.85 11.96
C ALA B 277 -22.39 7.88 12.08
N ASN B 278 -21.69 7.73 10.97
CA ASN B 278 -20.20 7.74 10.94
C ASN B 278 -19.67 9.12 11.34
N LEU B 279 -20.41 10.21 11.05
CA LEU B 279 -19.82 11.56 11.23
C LEU B 279 -19.47 11.80 12.70
N PRO B 280 -20.38 11.64 13.68
CA PRO B 280 -20.01 11.83 15.09
C PRO B 280 -18.98 10.83 15.63
N LEU B 281 -19.01 9.56 15.19
CA LEU B 281 -17.94 8.58 15.55
C LEU B 281 -16.57 9.16 15.15
N TRP B 282 -16.48 9.73 13.97
CA TRP B 282 -15.20 10.29 13.46
C TRP B 282 -14.89 11.60 14.22
N ALA B 283 -15.86 12.50 14.33
CA ALA B 283 -15.63 13.89 14.80
C ALA B 283 -15.32 13.89 16.31
N ASN B 284 -15.87 12.93 17.05
CA ASN B 284 -15.76 12.93 18.54
C ASN B 284 -14.51 12.20 19.03
N GLU B 285 -13.62 11.72 18.17
CA GLU B 285 -12.37 11.03 18.61
C GLU B 285 -11.49 12.02 19.38
N PRO B 286 -10.99 11.69 20.59
CA PRO B 286 -10.16 12.61 21.35
C PRO B 286 -8.74 12.70 20.79
N PHE B 287 -8.29 13.94 20.53
CA PHE B 287 -6.88 14.31 20.24
C PHE B 287 -6.35 15.14 21.43
N LEU B 288 -5.66 14.51 22.39
CA LEU B 288 -5.48 15.07 23.76
C LEU B 288 -4.05 15.55 24.04
N PHE B 289 -3.19 15.62 23.04
CA PHE B 289 -1.73 15.82 23.25
C PHE B 289 -1.15 17.00 22.47
N PHE B 290 -1.95 17.76 21.72
CA PHE B 290 -1.43 18.92 20.93
C PHE B 290 -0.98 20.04 21.88
N ILE B 291 0.09 20.72 21.46
CA ILE B 291 0.75 21.85 22.19
C ILE B 291 0.69 23.12 21.33
N GLY B 292 0.21 24.21 21.94
CA GLY B 292 0.12 25.53 21.30
C GLY B 292 1.46 26.26 21.31
N PRO B 293 1.51 27.46 20.66
CA PRO B 293 2.79 28.17 20.47
C PRO B 293 3.32 28.78 21.76
N ASP B 294 2.51 28.75 22.82
CA ASP B 294 2.88 29.20 24.20
C ASP B 294 3.38 28.02 25.05
N GLY B 295 3.33 26.79 24.53
CA GLY B 295 3.83 25.57 25.18
C GLY B 295 2.77 24.91 26.04
N LYS B 296 1.53 25.35 25.95
CA LYS B 296 0.42 24.87 26.81
C LYS B 296 -0.47 23.91 26.03
N PRO B 297 -1.19 22.99 26.71
CA PRO B 297 -2.14 22.10 26.02
C PRO B 297 -3.23 22.93 25.34
N VAL B 298 -3.69 22.49 24.17
CA VAL B 298 -4.67 23.26 23.37
C VAL B 298 -6.09 22.88 23.83
N ALA B 299 -7.04 23.77 23.66
CA ALA B 299 -8.44 23.52 24.06
C ALA B 299 -9.11 22.59 23.04
N LYS B 300 -8.81 22.74 21.74
CA LYS B 300 -9.49 21.99 20.64
C LYS B 300 -8.96 20.55 20.67
N ASN B 301 -9.67 19.62 21.32
CA ASN B 301 -9.14 18.28 21.66
C ASN B 301 -10.01 17.15 21.04
N LYS B 302 -10.73 17.43 19.95
CA LYS B 302 -11.53 16.41 19.19
C LYS B 302 -11.18 16.50 17.70
N ALA B 303 -11.17 15.34 17.01
CA ALA B 303 -10.86 15.24 15.57
C ALA B 303 -11.71 16.23 14.78
N GLY B 304 -13.02 16.38 15.07
CA GLY B 304 -13.92 17.26 14.31
C GLY B 304 -13.48 18.71 14.29
N ASP B 305 -12.71 19.15 15.29
CA ASP B 305 -12.18 20.53 15.38
C ASP B 305 -11.23 20.78 14.20
N TYR B 306 -10.64 19.72 13.63
CA TYR B 306 -9.58 19.84 12.61
C TYR B 306 -10.06 19.36 11.23
N ALA B 307 -11.37 19.14 11.05
CA ALA B 307 -11.96 18.70 9.76
C ALA B 307 -11.63 19.72 8.64
N THR B 308 -11.65 21.03 8.93
CA THR B 308 -11.36 22.09 7.92
C THR B 308 -10.10 22.85 8.34
N ILE B 309 -9.45 23.52 7.39
CA ILE B 309 -8.28 24.40 7.69
C ILE B 309 -8.72 25.40 8.76
N GLY B 310 -9.89 26.03 8.59
CA GLY B 310 -10.57 26.83 9.62
C GLY B 310 -9.65 27.88 10.21
N ASP B 311 -9.52 27.91 11.54
CA ASP B 311 -8.82 28.97 12.32
C ASP B 311 -7.31 28.92 12.04
N PHE B 312 -6.74 27.86 11.46
CA PHE B 312 -5.29 27.87 11.09
C PHE B 312 -5.04 28.87 9.95
N ASP B 313 -6.07 29.22 9.17
CA ASP B 313 -6.12 30.42 8.30
C ASP B 313 -5.01 30.37 7.24
N TYR B 314 -4.80 29.22 6.59
CA TYR B 314 -3.80 29.08 5.50
C TYR B 314 -4.46 28.64 4.21
N ASN B 315 -3.83 28.97 3.08
CA ASN B 315 -4.16 28.40 1.77
C ASN B 315 -2.86 27.94 1.13
N TYR B 316 -2.97 27.30 -0.03
CA TYR B 316 -1.84 26.69 -0.76
C TYR B 316 -1.66 27.38 -2.10
N GLU B 317 -0.41 27.68 -2.44
CA GLU B 317 0.06 27.71 -3.84
C GLU B 317 -0.30 26.36 -4.44
N PRO B 318 -1.02 26.33 -5.58
CA PRO B 318 -1.39 25.07 -6.21
C PRO B 318 -0.15 24.27 -6.65
N GLY B 319 -0.22 22.96 -6.51
CA GLY B 319 0.80 22.01 -6.98
C GLY B 319 0.17 20.85 -7.72
N SER B 320 0.91 19.74 -7.82
CA SER B 320 0.54 18.52 -8.56
C SER B 320 -0.80 18.02 -8.03
N GLY B 321 -1.71 17.59 -8.91
CA GLY B 321 -2.99 17.00 -8.49
C GLY B 321 -4.17 17.83 -8.95
#